data_1YX1
#
_entry.id   1YX1
#
_cell.length_a   81.636
_cell.length_b   91.913
_cell.length_c   124.264
_cell.angle_alpha   90.00
_cell.angle_beta   90.00
_cell.angle_gamma   90.00
#
_symmetry.space_group_name_H-M   'P 21 21 21'
#
loop_
_entity.id
_entity.type
_entity.pdbx_description
1 polymer 'hypothetical protein PA2260'
2 non-polymer 'ISOPROPYL ALCOHOL'
3 non-polymer 'SODIUM ION'
4 water water
#
_entity_poly.entity_id   1
_entity_poly.type   'polypeptide(L)'
_entity_poly.pdbx_seq_one_letter_code
;GH(MSE)SLHPVSISLSSYGADLVRSRGQASFLPLLA(MSE)AGAQRVELREELFAGPPDTEALTAAIQLQGLECVFSSP
LELWREDGQLNPELEPTLRRAEACGAGWLKVSLGLLPEQPDLAALGRRLARHGLQLLVENDQTPQGGRIEVLERFFRLAE
RQQLDLA(MSE)TFDIGNWRWQEQAADEAALRLGRYVGYVHCKAVIRNRDGKLVAVPPSAADLQYWQRLLQHFPEGVARA
IEYPLQGDDLLSLSRRHIAALARLGQPQEERQHGGS
;
_entity_poly.pdbx_strand_id   A,B,C
#
loop_
_chem_comp.id
_chem_comp.type
_chem_comp.name
_chem_comp.formula
IPA non-polymer 'ISOPROPYL ALCOHOL' 'C3 H8 O'
NA non-polymer 'SODIUM ION' 'Na 1'
#
# COMPACT_ATOMS: atom_id res chain seq x y z
N LEU A 5 19.77 18.38 1.57
CA LEU A 5 18.30 18.67 1.65
C LEU A 5 17.74 18.78 0.24
N HIS A 6 16.51 18.33 0.11
CA HIS A 6 15.86 18.32 -1.18
C HIS A 6 15.10 19.65 -1.35
N PRO A 7 14.92 20.12 -2.60
CA PRO A 7 14.23 21.40 -2.74
C PRO A 7 12.74 21.33 -2.40
N VAL A 8 12.26 22.37 -1.72
CA VAL A 8 10.86 22.40 -1.23
C VAL A 8 10.19 23.64 -1.76
N SER A 9 8.94 23.44 -2.20
CA SER A 9 8.12 24.53 -2.67
C SER A 9 6.93 24.68 -1.75
N ILE A 10 6.35 25.87 -1.68
CA ILE A 10 5.03 25.98 -1.02
C ILE A 10 4.03 26.52 -2.04
N SER A 11 2.94 25.78 -2.23
CA SER A 11 1.80 26.29 -2.98
C SER A 11 1.08 27.28 -2.09
N LEU A 12 0.85 28.49 -2.60
CA LEU A 12 0.25 29.50 -1.72
C LEU A 12 -1.22 29.26 -1.33
N SER A 13 -1.92 28.36 -2.02
CA SER A 13 -3.26 27.94 -1.59
C SER A 13 -3.22 27.32 -0.19
N SER A 14 -2.03 26.87 0.24
CA SER A 14 -1.90 26.28 1.60
C SER A 14 -2.33 27.26 2.69
N TYR A 15 -2.08 28.56 2.44
CA TYR A 15 -2.38 29.56 3.47
C TYR A 15 -3.83 29.99 3.55
N GLY A 16 -4.66 29.52 2.62
CA GLY A 16 -6.08 29.82 2.68
C GLY A 16 -6.44 30.81 1.59
N ALA A 17 -7.40 30.45 0.74
CA ALA A 17 -7.71 31.27 -0.43
C ALA A 17 -8.12 32.71 -0.08
N ASP A 18 -8.99 32.89 0.92
CA ASP A 18 -9.39 34.25 1.33
C ASP A 18 -8.22 35.09 1.85
N LEU A 19 -7.45 34.54 2.79
CA LEU A 19 -6.27 35.26 3.29
C LEU A 19 -5.30 35.65 2.17
N VAL A 20 -4.97 34.73 1.26
CA VAL A 20 -3.98 34.98 0.22
C VAL A 20 -4.44 36.06 -0.76
N ARG A 21 -5.70 35.97 -1.16
CA ARG A 21 -6.27 36.95 -2.07
C ARG A 21 -6.32 38.33 -1.42
N SER A 22 -6.55 38.37 -0.11
CA SER A 22 -6.57 39.62 0.66
C SER A 22 -5.19 40.31 0.74
N ARG A 23 -4.19 39.56 1.16
CA ARG A 23 -2.87 40.12 1.39
C ARG A 23 -2.06 40.17 0.12
N GLY A 24 -2.47 39.36 -0.87
CA GLY A 24 -1.71 39.21 -2.11
C GLY A 24 -0.60 38.17 -1.98
N GLN A 25 -0.34 37.45 -3.06
CA GLN A 25 0.63 36.35 -3.03
C GLN A 25 2.07 36.83 -2.81
N ALA A 26 2.40 37.99 -3.38
CA ALA A 26 3.75 38.55 -3.20
C ALA A 26 4.16 38.75 -1.73
N SER A 27 3.17 39.03 -0.90
CA SER A 27 3.46 39.27 0.53
C SER A 27 3.95 38.02 1.27
N PHE A 28 3.82 36.84 0.66
CA PHE A 28 4.23 35.58 1.29
C PHE A 28 5.64 35.22 0.86
N LEU A 29 6.18 35.93 -0.14
CA LEU A 29 7.54 35.59 -0.59
C LEU A 29 8.65 35.65 0.49
N PRO A 30 8.73 36.74 1.28
CA PRO A 30 9.80 36.78 2.32
C PRO A 30 9.64 35.64 3.36
N LEU A 31 8.38 35.34 3.70
CA LEU A 31 8.04 34.19 4.56
C LEU A 31 8.61 32.88 4.03
N LEU A 32 8.35 32.61 2.76
CA LEU A 32 8.82 31.36 2.14
C LEU A 32 10.35 31.30 2.19
N ALA A 33 11.01 32.40 1.81
CA ALA A 33 12.45 32.38 1.75
C ALA A 33 13.03 32.22 3.17
N MSE A 34 12.49 32.97 4.11
CA MSE A 34 12.96 32.87 5.51
C MSE A 34 12.71 31.47 6.11
O MSE A 34 13.52 30.99 6.94
CB MSE A 34 12.34 33.95 6.37
CB MSE A 34 12.32 33.95 6.37
CG MSE A 34 12.70 33.87 7.84
CG MSE A 34 12.97 34.15 7.74
SE MSE A 34 13.05 35.60 8.61
SE MSE A 34 14.91 34.39 7.61
CE MSE A 34 14.49 36.21 7.41
CE MSE A 34 14.96 36.03 6.65
N ALA A 35 11.63 30.81 5.68
CA ALA A 35 11.26 29.51 6.23
C ALA A 35 12.08 28.38 5.60
N GLY A 36 12.85 28.69 4.55
CA GLY A 36 13.75 27.70 3.94
C GLY A 36 13.32 27.09 2.61
N ALA A 37 12.26 27.63 2.02
CA ALA A 37 11.72 27.18 0.71
C ALA A 37 12.66 27.60 -0.44
N GLN A 38 12.71 26.76 -1.49
CA GLN A 38 13.52 27.02 -2.70
C GLN A 38 12.64 27.53 -3.83
N ARG A 39 11.33 27.21 -3.79
CA ARG A 39 10.39 27.72 -4.82
C ARG A 39 9.09 28.21 -4.18
N VAL A 40 8.44 29.15 -4.85
CA VAL A 40 7.04 29.52 -4.56
C VAL A 40 6.18 28.96 -5.70
N GLU A 41 4.99 28.46 -5.36
CA GLU A 41 4.04 28.06 -6.42
C GLU A 41 2.90 29.05 -6.34
N LEU A 42 2.89 29.96 -7.31
CA LEU A 42 1.81 30.93 -7.45
C LEU A 42 0.59 30.23 -8.00
N ARG A 43 -0.58 30.75 -7.66
CA ARG A 43 -1.83 30.16 -8.03
C ARG A 43 -2.62 31.17 -8.84
N GLU A 44 -2.84 30.86 -10.12
CA GLU A 44 -3.63 31.77 -10.99
C GLU A 44 -4.93 32.23 -10.32
N GLU A 45 -5.64 31.28 -9.69
CA GLU A 45 -6.92 31.62 -9.07
C GLU A 45 -6.80 32.49 -7.80
N LEU A 46 -5.59 32.74 -7.30
CA LEU A 46 -5.47 33.52 -6.06
C LEU A 46 -5.01 34.97 -6.31
N PHE A 47 -4.96 35.37 -7.58
CA PHE A 47 -4.70 36.77 -7.90
C PHE A 47 -6.01 37.52 -7.83
N ALA A 48 -6.03 38.60 -7.05
CA ALA A 48 -7.19 39.47 -6.97
C ALA A 48 -7.00 40.56 -8.02
N GLY A 49 -7.31 40.24 -9.27
CA GLY A 49 -6.96 41.13 -10.38
C GLY A 49 -5.57 40.88 -10.97
N PRO A 50 -5.30 41.47 -12.16
CA PRO A 50 -4.04 41.17 -12.84
C PRO A 50 -2.83 41.76 -12.09
N PRO A 51 -1.78 40.97 -11.92
CA PRO A 51 -0.63 41.49 -11.18
C PRO A 51 0.32 42.32 -12.02
N ASP A 52 1.01 43.25 -11.36
CA ASP A 52 2.23 43.86 -11.89
C ASP A 52 3.25 42.72 -11.96
N THR A 53 3.51 42.25 -13.18
CA THR A 53 4.39 41.11 -13.37
C THR A 53 5.81 41.54 -13.09
N GLU A 54 6.14 42.83 -13.29
CA GLU A 54 7.50 43.28 -13.03
C GLU A 54 7.83 43.34 -11.55
N ALA A 55 6.90 43.83 -10.71
CA ALA A 55 7.14 43.86 -9.24
C ALA A 55 7.18 42.43 -8.67
N LEU A 56 6.30 41.59 -9.19
CA LEU A 56 6.31 40.19 -8.85
C LEU A 56 7.59 39.46 -9.23
N THR A 57 8.02 39.54 -10.49
CA THR A 57 9.29 38.92 -10.87
C THR A 57 10.44 39.43 -10.00
N ALA A 58 10.50 40.73 -9.76
CA ALA A 58 11.59 41.34 -8.98
C ALA A 58 11.61 40.89 -7.52
N ALA A 59 10.42 40.75 -6.92
CA ALA A 59 10.29 40.26 -5.54
C ALA A 59 10.72 38.78 -5.37
N ILE A 60 10.37 37.96 -6.36
CA ILE A 60 10.76 36.55 -6.37
C ILE A 60 12.27 36.46 -6.45
N GLN A 61 12.86 37.22 -7.36
CA GLN A 61 14.31 37.21 -7.56
C GLN A 61 15.02 37.76 -6.33
N LEU A 62 14.46 38.80 -5.72
CA LEU A 62 15.09 39.39 -4.54
C LEU A 62 15.22 38.37 -3.41
N GLN A 63 14.23 37.48 -3.31
CA GLN A 63 14.21 36.45 -2.28
C GLN A 63 14.99 35.20 -2.65
N GLY A 64 15.47 35.13 -3.89
CA GLY A 64 16.33 34.03 -4.33
C GLY A 64 15.50 32.78 -4.56
N LEU A 65 14.21 32.94 -4.84
CA LEU A 65 13.32 31.81 -5.03
C LEU A 65 13.17 31.51 -6.53
N GLU A 66 12.95 30.23 -6.86
CA GLU A 66 12.40 29.88 -8.19
C GLU A 66 10.86 29.87 -8.08
N CYS A 67 10.18 29.77 -9.23
CA CYS A 67 8.74 29.98 -9.18
C CYS A 67 7.99 29.03 -10.15
N VAL A 68 6.99 28.33 -9.64
CA VAL A 68 6.09 27.52 -10.49
C VAL A 68 4.80 28.33 -10.58
N PHE A 69 4.25 28.46 -11.78
CA PHE A 69 2.95 29.10 -11.92
C PHE A 69 1.89 28.03 -12.17
N SER A 70 0.91 27.93 -11.27
CA SER A 70 -0.16 26.95 -11.36
C SER A 70 -1.46 27.55 -11.93
N SER A 71 -1.96 26.91 -12.98
CA SER A 71 -3.27 27.26 -13.54
C SER A 71 -4.23 26.05 -13.52
N PRO A 72 -5.52 26.31 -13.29
CA PRO A 72 -6.53 25.24 -13.39
C PRO A 72 -6.88 24.88 -14.83
N LEU A 73 -6.22 25.52 -15.81
CA LEU A 73 -6.49 25.22 -17.21
C LEU A 73 -6.31 23.71 -17.53
N GLU A 74 -7.21 23.21 -18.36
CA GLU A 74 -7.16 21.85 -18.90
C GLU A 74 -6.57 21.88 -20.31
N LEU A 75 -5.50 21.14 -20.50
CA LEU A 75 -4.72 21.20 -21.70
C LEU A 75 -5.53 20.91 -23.00
N TRP A 76 -6.27 19.82 -22.98
CA TRP A 76 -7.10 19.38 -24.11
C TRP A 76 -8.58 19.64 -23.85
N ARG A 77 -9.20 20.29 -24.83
CA ARG A 77 -10.66 20.52 -24.86
C ARG A 77 -11.46 19.26 -25.14
N GLU A 78 -12.77 19.34 -24.86
CA GLU A 78 -13.68 18.24 -25.17
C GLU A 78 -13.63 17.86 -26.65
N ASP A 79 -13.52 18.86 -27.52
CA ASP A 79 -13.46 18.60 -28.96
C ASP A 79 -12.13 18.04 -29.48
N GLY A 80 -11.16 17.86 -28.61
CA GLY A 80 -9.91 17.26 -29.02
C GLY A 80 -8.84 18.26 -29.42
N GLN A 81 -9.18 19.55 -29.44
CA GLN A 81 -8.16 20.60 -29.69
C GLN A 81 -7.43 21.08 -28.42
N LEU A 82 -6.22 21.63 -28.56
CA LEU A 82 -5.55 22.26 -27.42
C LEU A 82 -6.35 23.47 -26.95
N ASN A 83 -6.34 23.69 -25.65
CA ASN A 83 -6.97 24.84 -25.04
C ASN A 83 -6.30 26.11 -25.54
N PRO A 84 -7.07 27.03 -26.17
CA PRO A 84 -6.47 28.28 -26.72
C PRO A 84 -5.91 29.20 -25.63
N GLU A 85 -6.22 28.91 -24.37
CA GLU A 85 -5.63 29.69 -23.28
C GLU A 85 -4.21 29.29 -22.95
N LEU A 86 -3.66 28.26 -23.60
CA LEU A 86 -2.35 27.76 -23.19
C LEU A 86 -1.27 28.84 -23.36
N GLU A 87 -1.14 29.36 -24.56
CA GLU A 87 -0.07 30.35 -24.76
C GLU A 87 -0.32 31.64 -23.97
N PRO A 88 -1.57 32.17 -23.91
CA PRO A 88 -1.77 33.32 -22.98
C PRO A 88 -1.33 33.06 -21.52
N THR A 89 -1.60 31.84 -21.00
CA THR A 89 -1.16 31.50 -19.66
C THR A 89 0.39 31.36 -19.59
N LEU A 90 0.98 30.73 -20.60
CA LEU A 90 2.47 30.66 -20.67
C LEU A 90 3.08 32.07 -20.65
N ARG A 91 2.49 33.01 -21.41
CA ARG A 91 3.04 34.38 -21.44
C ARG A 91 2.92 35.03 -20.06
N ARG A 92 1.77 34.87 -19.40
CA ARG A 92 1.57 35.46 -18.06
C ARG A 92 2.53 34.83 -17.05
N ALA A 93 2.64 33.50 -17.09
CA ALA A 93 3.58 32.80 -16.17
C ALA A 93 5.00 33.31 -16.36
N GLU A 94 5.45 33.36 -17.61
CA GLU A 94 6.81 33.76 -17.93
C GLU A 94 7.03 35.21 -17.47
N ALA A 95 6.04 36.05 -17.72
CA ALA A 95 6.16 37.45 -17.30
C ALA A 95 6.24 37.64 -15.76
N CYS A 96 5.60 36.74 -15.01
CA CYS A 96 5.61 36.78 -13.53
C CYS A 96 6.90 36.19 -12.98
N GLY A 97 7.77 35.65 -13.84
CA GLY A 97 9.03 35.09 -13.35
C GLY A 97 9.09 33.56 -13.18
N ALA A 98 8.10 32.81 -13.67
CA ALA A 98 8.05 31.37 -13.41
C ALA A 98 8.98 30.63 -14.32
N GLY A 99 9.51 29.50 -13.84
CA GLY A 99 10.32 28.57 -14.64
C GLY A 99 9.47 27.43 -15.18
N TRP A 100 8.32 27.20 -14.55
CA TRP A 100 7.39 26.13 -14.92
C TRP A 100 5.95 26.67 -14.94
N LEU A 101 5.17 26.15 -15.89
CA LEU A 101 3.72 26.29 -15.86
C LEU A 101 3.09 24.90 -15.57
N LYS A 102 2.26 24.83 -14.53
CA LYS A 102 1.55 23.62 -14.14
C LYS A 102 0.07 23.68 -14.53
N VAL A 103 -0.39 22.67 -15.27
CA VAL A 103 -1.75 22.66 -15.81
C VAL A 103 -2.34 21.24 -15.58
N SER A 104 -3.64 21.05 -15.90
CA SER A 104 -4.30 19.75 -15.89
C SER A 104 -4.39 19.24 -17.31
N LEU A 105 -4.67 17.95 -17.48
CA LEU A 105 -4.61 17.33 -18.78
C LEU A 105 -5.82 17.68 -19.67
N GLY A 106 -7.02 17.70 -19.10
CA GLY A 106 -8.25 17.76 -19.92
C GLY A 106 -8.54 16.38 -20.50
N LEU A 107 -9.32 16.35 -21.59
CA LEU A 107 -9.74 15.10 -22.22
C LEU A 107 -8.78 14.76 -23.34
N LEU A 108 -7.90 13.79 -23.11
CA LEU A 108 -6.89 13.43 -24.09
C LEU A 108 -7.60 12.77 -25.27
N PRO A 109 -7.44 13.32 -26.48
CA PRO A 109 -8.16 12.70 -27.61
C PRO A 109 -7.49 11.41 -28.11
N GLU A 110 -8.17 10.69 -28.98
CA GLU A 110 -7.59 9.50 -29.57
C GLU A 110 -6.28 9.79 -30.28
N GLN A 111 -6.21 10.90 -31.03
CA GLN A 111 -5.00 11.27 -31.75
C GLN A 111 -4.54 12.67 -31.36
N PRO A 112 -3.83 12.82 -30.21
CA PRO A 112 -3.50 14.17 -29.76
C PRO A 112 -2.42 14.82 -30.62
N ASP A 113 -2.57 16.11 -30.92
CA ASP A 113 -1.58 16.82 -31.76
C ASP A 113 -0.43 17.27 -30.86
N LEU A 114 0.47 16.33 -30.59
CA LEU A 114 1.61 16.59 -29.71
C LEU A 114 2.64 17.46 -30.39
N ALA A 115 2.73 17.38 -31.73
CA ALA A 115 3.63 18.27 -32.47
C ALA A 115 3.19 19.72 -32.31
N ALA A 116 1.89 19.98 -32.39
CA ALA A 116 1.40 21.34 -32.24
C ALA A 116 1.65 21.78 -30.80
N LEU A 117 1.43 20.88 -29.84
CA LEU A 117 1.78 21.21 -28.46
C LEU A 117 3.26 21.62 -28.34
N GLY A 118 4.16 20.80 -28.87
CA GLY A 118 5.61 21.14 -28.88
C GLY A 118 5.93 22.50 -29.49
N ARG A 119 5.26 22.84 -30.60
CA ARG A 119 5.45 24.14 -31.26
C ARG A 119 5.03 25.32 -30.38
N ARG A 120 3.94 25.15 -29.66
CA ARG A 120 3.44 26.19 -28.76
C ARG A 120 4.36 26.34 -27.56
N LEU A 121 4.77 25.23 -26.97
CA LEU A 121 5.75 25.29 -25.86
C LEU A 121 7.09 25.92 -26.27
N ALA A 122 7.49 25.67 -27.52
CA ALA A 122 8.80 26.13 -27.99
C ALA A 122 8.85 27.65 -28.12
N ARG A 123 7.68 28.29 -28.15
CA ARG A 123 7.55 29.76 -28.24
C ARG A 123 7.68 30.48 -26.90
N HIS A 124 7.92 29.72 -25.82
CA HIS A 124 8.03 30.33 -24.50
C HIS A 124 9.22 29.73 -23.76
N GLY A 125 9.61 30.31 -22.64
CA GLY A 125 10.83 29.80 -21.99
C GLY A 125 10.57 28.95 -20.76
N LEU A 126 9.42 28.28 -20.67
CA LEU A 126 9.06 27.49 -19.46
C LEU A 126 8.95 26.03 -19.76
N GLN A 127 9.20 25.23 -18.72
CA GLN A 127 8.87 23.83 -18.79
C GLN A 127 7.40 23.68 -18.44
N LEU A 128 6.69 22.82 -19.17
CA LEU A 128 5.31 22.53 -18.85
C LEU A 128 5.27 21.35 -17.86
N LEU A 129 4.46 21.52 -16.81
CA LEU A 129 4.16 20.42 -15.86
C LEU A 129 2.68 20.06 -15.93
N VAL A 130 2.37 18.78 -16.03
CA VAL A 130 0.96 18.36 -16.11
C VAL A 130 0.70 17.52 -14.86
N GLU A 131 -0.27 17.95 -14.06
CA GLU A 131 -0.56 17.35 -12.76
C GLU A 131 -1.77 16.47 -12.88
N ASN A 132 -1.79 15.35 -12.15
CA ASN A 132 -3.02 14.59 -12.06
C ASN A 132 -4.06 15.43 -11.29
N ASP A 133 -5.29 15.54 -11.82
CA ASP A 133 -6.30 16.35 -11.12
C ASP A 133 -7.36 15.46 -10.46
N GLN A 134 -8.51 16.02 -10.12
CA GLN A 134 -9.48 15.21 -9.39
C GLN A 134 -10.60 14.70 -10.30
N THR A 135 -10.40 14.79 -11.62
CA THR A 135 -11.45 14.48 -12.55
C THR A 135 -11.21 13.16 -13.25
N PRO A 136 -12.28 12.58 -13.86
CA PRO A 136 -12.03 11.34 -14.62
C PRO A 136 -11.09 11.50 -15.82
N GLN A 137 -11.22 12.62 -16.53
CA GLN A 137 -10.40 12.85 -17.73
C GLN A 137 -8.93 13.12 -17.38
N GLY A 138 -8.67 13.83 -16.28
CA GLY A 138 -7.29 14.22 -15.95
C GLY A 138 -6.68 13.61 -14.71
N GLY A 139 -7.39 12.70 -14.09
CA GLY A 139 -7.04 12.21 -12.78
C GLY A 139 -6.92 10.70 -12.64
N ARG A 140 -6.95 9.96 -13.77
CA ARG A 140 -6.83 8.49 -13.73
C ARG A 140 -5.52 8.04 -14.33
N ILE A 141 -4.99 6.94 -13.78
CA ILE A 141 -3.64 6.47 -14.14
C ILE A 141 -3.52 6.15 -15.63
N GLU A 142 -4.51 5.44 -16.17
CA GLU A 142 -4.36 4.89 -17.53
C GLU A 142 -4.16 6.00 -18.57
N VAL A 143 -5.02 7.03 -18.51
CA VAL A 143 -4.93 8.10 -19.52
C VAL A 143 -3.64 8.91 -19.33
N LEU A 144 -3.26 9.16 -18.07
CA LEU A 144 -2.02 9.89 -17.83
C LEU A 144 -0.78 9.12 -18.32
N GLU A 145 -0.78 7.79 -18.16
CA GLU A 145 0.31 6.95 -18.67
C GLU A 145 0.41 7.12 -20.18
N ARG A 146 -0.75 7.13 -20.85
CA ARG A 146 -0.77 7.24 -22.31
C ARG A 146 -0.15 8.60 -22.70
N PHE A 147 -0.60 9.64 -22.02
CA PHE A 147 -0.14 10.99 -22.31
C PHE A 147 1.38 11.08 -22.15
N PHE A 148 1.92 10.68 -20.99
CA PHE A 148 3.35 10.88 -20.79
C PHE A 148 4.23 10.01 -21.68
N ARG A 149 3.74 8.79 -22.00
CA ARG A 149 4.45 7.91 -22.95
C ARG A 149 4.56 8.61 -24.29
N LEU A 150 3.46 9.14 -24.76
CA LEU A 150 3.40 9.78 -26.06
C LEU A 150 4.21 11.08 -26.09
N ALA A 151 4.16 11.85 -24.99
CA ALA A 151 4.96 13.08 -24.86
C ALA A 151 6.48 12.79 -24.91
N GLU A 152 6.91 11.72 -24.24
CA GLU A 152 8.34 11.33 -24.22
C GLU A 152 8.77 10.88 -25.61
N ARG A 153 7.87 10.22 -26.34
CA ARG A 153 8.18 9.76 -27.68
C ARG A 153 8.33 10.96 -28.62
N GLN A 154 7.56 12.00 -28.39
CA GLN A 154 7.65 13.24 -29.15
C GLN A 154 8.82 14.13 -28.65
N GLN A 155 9.46 13.71 -27.57
CA GLN A 155 10.54 14.43 -26.92
C GLN A 155 10.16 15.83 -26.46
N LEU A 156 8.96 15.98 -25.90
CA LEU A 156 8.56 17.30 -25.42
C LEU A 156 9.27 17.69 -24.11
N ASP A 157 9.48 18.99 -23.91
CA ASP A 157 10.02 19.53 -22.64
C ASP A 157 8.90 19.70 -21.60
N LEU A 158 8.46 18.56 -21.05
CA LEU A 158 7.34 18.57 -20.12
C LEU A 158 7.55 17.42 -19.15
N ALA A 159 7.02 17.55 -17.95
CA ALA A 159 7.13 16.44 -16.98
C ALA A 159 5.84 16.40 -16.16
N MSE A 160 5.69 15.35 -15.35
CA MSE A 160 4.51 15.24 -14.50
C MSE A 160 4.71 15.95 -13.17
O MSE A 160 5.79 15.87 -12.53
CB MSE A 160 4.25 13.74 -14.21
CG MSE A 160 3.03 13.57 -13.38
SE MSE A 160 2.49 11.74 -13.18
CE MSE A 160 0.57 12.20 -12.63
N THR A 161 3.65 16.62 -12.71
CA THR A 161 3.52 16.89 -11.31
C THR A 161 2.68 15.79 -10.65
N PHE A 162 3.27 15.06 -9.73
CA PHE A 162 2.55 13.97 -9.08
C PHE A 162 1.86 14.49 -7.82
N ASP A 163 0.54 14.60 -7.86
CA ASP A 163 -0.18 15.07 -6.68
C ASP A 163 -0.59 13.86 -5.84
N ILE A 164 0.04 13.70 -4.68
CA ILE A 164 -0.17 12.48 -3.89
C ILE A 164 -1.67 12.27 -3.51
N GLY A 165 -2.32 13.36 -3.15
CA GLY A 165 -3.72 13.32 -2.69
C GLY A 165 -4.79 13.19 -3.77
N ASN A 166 -4.55 13.78 -4.94
CA ASN A 166 -5.62 13.92 -5.95
C ASN A 166 -6.15 12.58 -6.43
N TRP A 167 -5.30 11.56 -6.43
CA TRP A 167 -5.71 10.18 -6.84
C TRP A 167 -6.94 9.73 -6.07
N ARG A 168 -7.03 10.15 -4.81
CA ARG A 168 -8.17 9.77 -3.93
C ARG A 168 -9.53 10.14 -4.54
N TRP A 169 -9.64 11.31 -5.15
CA TRP A 169 -10.88 11.68 -5.82
C TRP A 169 -11.32 10.76 -6.95
N GLN A 170 -10.37 10.07 -7.57
CA GLN A 170 -10.71 9.16 -8.67
C GLN A 170 -10.63 7.70 -8.19
N GLU A 171 -10.51 7.54 -6.87
CA GLU A 171 -10.44 6.18 -6.25
C GLU A 171 -9.30 5.35 -6.89
N GLN A 172 -8.17 6.03 -7.14
CA GLN A 172 -6.90 5.41 -7.66
C GLN A 172 -5.90 5.32 -6.52
N ALA A 173 -5.04 4.31 -6.54
CA ALA A 173 -4.01 4.15 -5.53
C ALA A 173 -2.76 4.96 -5.90
N ALA A 174 -2.32 5.84 -5.02
CA ALA A 174 -1.10 6.60 -5.29
C ALA A 174 0.10 5.64 -5.49
N ASP A 175 0.14 4.54 -4.75
CA ASP A 175 1.27 3.57 -4.87
C ASP A 175 1.34 3.01 -6.28
N GLU A 176 0.17 2.61 -6.83
CA GLU A 176 0.05 2.13 -8.19
C GLU A 176 0.42 3.25 -9.18
N ALA A 177 -0.11 4.47 -8.95
CA ALA A 177 0.21 5.57 -9.83
C ALA A 177 1.72 5.82 -9.84
N ALA A 178 2.36 5.74 -8.67
CA ALA A 178 3.80 6.04 -8.57
C ALA A 178 4.61 4.98 -9.32
N LEU A 179 4.20 3.71 -9.21
CA LEU A 179 4.83 2.63 -9.95
C LEU A 179 4.79 2.88 -11.45
N ARG A 180 3.62 3.24 -11.95
CA ARG A 180 3.42 3.32 -13.41
C ARG A 180 3.89 4.66 -13.98
N LEU A 181 3.88 5.72 -13.18
CA LEU A 181 4.19 7.09 -13.68
C LEU A 181 5.46 7.73 -13.16
N GLY A 182 6.08 7.08 -12.17
CA GLY A 182 7.19 7.65 -11.45
C GLY A 182 8.37 8.14 -12.31
N ARG A 183 8.63 7.44 -13.42
CA ARG A 183 9.75 7.85 -14.29
C ARG A 183 9.56 9.23 -14.90
N TYR A 184 8.31 9.69 -14.95
CA TYR A 184 7.96 10.94 -15.60
C TYR A 184 7.93 12.13 -14.62
N VAL A 185 8.08 11.85 -13.33
CA VAL A 185 7.77 12.86 -12.31
C VAL A 185 8.91 13.85 -12.13
N GLY A 186 8.62 15.13 -12.30
CA GLY A 186 9.61 16.17 -12.04
C GLY A 186 9.26 17.12 -10.89
N TYR A 187 8.10 16.93 -10.27
CA TYR A 187 7.63 17.79 -9.17
C TYR A 187 6.57 17.01 -8.38
N VAL A 188 6.59 17.11 -7.06
CA VAL A 188 5.62 16.34 -6.25
C VAL A 188 4.76 17.32 -5.45
N HIS A 189 3.45 17.17 -5.52
CA HIS A 189 2.53 17.89 -4.64
C HIS A 189 2.13 17.05 -3.44
N CYS A 190 2.50 17.53 -2.27
CA CYS A 190 2.31 16.77 -1.02
C CYS A 190 1.05 17.23 -0.33
N LYS A 191 0.15 16.31 -0.05
CA LYS A 191 -0.98 16.62 0.81
C LYS A 191 -1.54 15.30 1.32
N ALA A 192 -2.05 15.29 2.56
CA ALA A 192 -2.73 14.12 3.05
C ALA A 192 -4.21 14.39 2.76
N VAL A 193 -4.98 13.32 2.66
CA VAL A 193 -6.42 13.44 2.34
C VAL A 193 -7.17 12.52 3.28
N ILE A 194 -8.21 13.08 3.92
CA ILE A 194 -9.14 12.21 4.68
C ILE A 194 -10.57 12.41 4.20
N ARG A 195 -11.44 11.42 4.41
CA ARG A 195 -12.88 11.64 4.23
C ARG A 195 -13.38 12.22 5.56
N ASN A 196 -14.00 13.40 5.53
CA ASN A 196 -14.43 14.01 6.78
C ASN A 196 -15.71 13.30 7.27
N ARG A 197 -16.27 13.73 8.41
CA ARG A 197 -17.42 13.06 9.00
C ARG A 197 -18.64 13.18 8.07
N ASP A 198 -18.69 14.29 7.32
CA ASP A 198 -19.77 14.55 6.35
C ASP A 198 -19.62 13.66 5.09
N GLY A 199 -18.50 12.97 4.96
CA GLY A 199 -18.26 12.13 3.75
C GLY A 199 -17.42 12.76 2.63
N LYS A 200 -16.97 14.00 2.84
CA LYS A 200 -16.31 14.70 1.77
C LYS A 200 -14.79 14.53 1.91
N LEU A 201 -14.13 14.30 0.78
CA LEU A 201 -12.66 14.29 0.78
C LEU A 201 -12.06 15.69 1.00
N VAL A 202 -11.09 15.80 1.88
CA VAL A 202 -10.52 17.09 2.23
C VAL A 202 -9.02 16.92 2.40
N ALA A 203 -8.27 17.91 1.94
CA ALA A 203 -6.84 17.89 2.16
C ALA A 203 -6.51 18.38 3.56
N VAL A 204 -5.58 17.68 4.21
CA VAL A 204 -5.15 17.98 5.57
C VAL A 204 -3.64 17.89 5.69
N PRO A 205 -3.07 18.46 6.78
CA PRO A 205 -1.64 18.30 7.04
C PRO A 205 -1.31 16.81 7.34
N PRO A 206 -0.09 16.36 7.00
CA PRO A 206 0.27 14.96 7.19
C PRO A 206 0.48 14.59 8.65
N SER A 207 0.08 13.38 9.01
CA SER A 207 0.47 12.78 10.26
C SER A 207 1.87 12.18 10.08
N ALA A 208 2.42 11.62 11.16
CA ALA A 208 3.73 10.96 11.09
C ALA A 208 3.66 9.79 10.11
N ALA A 209 2.58 9.02 10.20
CA ALA A 209 2.34 7.90 9.31
C ALA A 209 2.29 8.36 7.86
N ASP A 210 1.67 9.53 7.63
CA ASP A 210 1.54 10.03 6.23
C ASP A 210 2.94 10.32 5.69
N LEU A 211 3.77 10.96 6.52
CA LEU A 211 5.14 11.29 6.06
C LEU A 211 5.96 10.02 5.70
N GLN A 212 5.77 8.95 6.48
CA GLN A 212 6.50 7.73 6.26
C GLN A 212 6.03 7.12 4.93
N TYR A 213 4.73 7.19 4.69
CA TYR A 213 4.17 6.70 3.42
C TYR A 213 4.74 7.51 2.24
N TRP A 214 4.81 8.83 2.40
CA TRP A 214 5.27 9.68 1.32
C TRP A 214 6.75 9.37 1.05
N GLN A 215 7.51 9.03 2.10
CA GLN A 215 8.91 8.64 1.92
C GLN A 215 9.01 7.42 1.00
N ARG A 216 8.14 6.44 1.23
CA ARG A 216 8.08 5.29 0.34
C ARG A 216 7.64 5.66 -1.11
N LEU A 217 6.67 6.56 -1.25
CA LEU A 217 6.27 7.01 -2.61
C LEU A 217 7.44 7.65 -3.34
N LEU A 218 8.23 8.45 -2.62
CA LEU A 218 9.31 9.17 -3.27
C LEU A 218 10.39 8.25 -3.87
N GLN A 219 10.40 6.98 -3.43
CA GLN A 219 11.36 5.97 -3.96
C GLN A 219 11.10 5.74 -5.46
N HIS A 220 9.90 6.10 -5.89
CA HIS A 220 9.44 5.85 -7.29
C HIS A 220 9.80 6.99 -8.25
N PHE A 221 10.20 8.12 -7.66
CA PHE A 221 10.54 9.33 -8.44
C PHE A 221 12.02 9.59 -8.37
N PRO A 222 12.55 10.29 -9.39
CA PRO A 222 14.02 10.53 -9.34
C PRO A 222 14.42 11.18 -8.02
N GLU A 223 15.49 10.69 -7.44
CA GLU A 223 15.92 11.13 -6.10
C GLU A 223 16.13 12.64 -6.09
N GLY A 224 15.67 13.30 -5.05
CA GLY A 224 15.83 14.75 -4.91
C GLY A 224 14.90 15.62 -5.72
N VAL A 225 13.85 15.01 -6.30
CA VAL A 225 12.80 15.73 -7.00
C VAL A 225 12.20 16.85 -6.10
N ALA A 226 11.93 18.04 -6.67
CA ALA A 226 11.30 19.10 -5.87
C ALA A 226 9.92 18.62 -5.33
N ARG A 227 9.63 18.97 -4.08
CA ARG A 227 8.34 18.64 -3.46
C ARG A 227 7.70 19.87 -2.86
N ALA A 228 6.39 19.99 -3.00
CA ALA A 228 5.62 21.18 -2.64
C ALA A 228 4.64 20.88 -1.52
N ILE A 229 4.54 21.78 -0.54
CA ILE A 229 3.44 21.76 0.38
C ILE A 229 2.18 22.28 -0.29
N GLU A 230 1.09 21.48 -0.27
CA GLU A 230 -0.22 21.96 -0.75
C GLU A 230 -1.30 21.41 0.16
N TYR A 231 -1.20 21.82 1.42
CA TYR A 231 -2.16 21.45 2.43
C TYR A 231 -2.24 22.59 3.43
N PRO A 232 -3.26 22.59 4.27
CA PRO A 232 -3.45 23.78 5.14
C PRO A 232 -2.28 24.11 6.04
N LEU A 233 -1.84 25.38 5.97
CA LEU A 233 -0.91 25.94 6.90
C LEU A 233 -1.65 27.11 7.55
N GLN A 234 -2.12 26.88 8.77
CA GLN A 234 -2.94 27.84 9.51
C GLN A 234 -2.43 27.90 10.91
N GLY A 235 -2.32 29.12 11.43
CA GLY A 235 -1.79 29.29 12.79
C GLY A 235 -1.42 30.72 13.04
N ASP A 236 -1.00 30.99 14.29
CA ASP A 236 -0.69 32.32 14.77
C ASP A 236 0.65 32.81 14.28
N ASP A 237 1.50 31.85 13.93
CA ASP A 237 2.90 32.13 13.63
C ASP A 237 3.23 31.35 12.37
N LEU A 238 2.92 31.94 11.21
CA LEU A 238 3.11 31.26 9.92
C LEU A 238 4.58 30.99 9.61
N LEU A 239 5.49 31.84 10.10
CA LEU A 239 6.92 31.61 9.89
C LEU A 239 7.36 30.31 10.56
N SER A 240 7.08 30.19 11.85
CA SER A 240 7.41 28.99 12.62
C SER A 240 6.77 27.77 12.01
N LEU A 241 5.48 27.86 11.73
CA LEU A 241 4.77 26.71 11.16
C LEU A 241 5.37 26.31 9.81
N SER A 242 5.53 27.28 8.91
CA SER A 242 6.09 27.02 7.58
C SER A 242 7.48 26.40 7.68
N ARG A 243 8.29 26.92 8.61
CA ARG A 243 9.63 26.45 8.76
C ARG A 243 9.64 24.96 9.13
N ARG A 244 8.78 24.58 10.06
CA ARG A 244 8.71 23.22 10.50
C ARG A 244 8.24 22.29 9.36
N HIS A 245 7.21 22.70 8.64
CA HIS A 245 6.69 21.86 7.55
C HIS A 245 7.70 21.71 6.40
N ILE A 246 8.35 22.81 6.05
CA ILE A 246 9.46 22.76 5.07
C ILE A 246 10.55 21.80 5.52
N ALA A 247 10.98 21.90 6.79
CA ALA A 247 12.08 21.08 7.27
C ALA A 247 11.76 19.61 7.20
N ALA A 248 10.52 19.26 7.55
CA ALA A 248 10.13 17.86 7.52
C ALA A 248 10.21 17.33 6.07
N LEU A 249 9.78 18.16 5.12
CA LEU A 249 9.76 17.74 3.71
C LEU A 249 11.14 17.77 3.07
N ALA A 250 12.00 18.70 3.48
CA ALA A 250 13.31 18.87 2.88
C ALA A 250 14.18 17.63 3.12
N ARG A 251 13.90 16.89 4.19
CA ARG A 251 14.79 15.80 4.58
C ARG A 251 14.13 14.45 4.33
N LEU A 252 12.96 14.50 3.71
CA LEU A 252 12.21 13.29 3.43
C LEU A 252 12.87 12.62 2.20
N GLY A 253 13.21 11.36 2.38
CA GLY A 253 13.87 10.59 1.34
C GLY A 253 15.25 10.23 1.84
N GLN A 254 15.95 11.24 2.40
CA GLN A 254 17.28 11.20 3.07
C GLN A 254 17.58 12.70 3.25
N LEU B 5 -11.30 11.10 21.39
CA LEU B 5 -11.07 9.66 21.02
C LEU B 5 -12.20 9.18 20.10
N HIS B 6 -11.89 8.28 19.16
CA HIS B 6 -12.91 7.70 18.26
C HIS B 6 -13.61 6.49 18.92
N PRO B 7 -14.91 6.27 18.65
CA PRO B 7 -15.66 5.21 19.32
C PRO B 7 -15.17 3.81 18.93
N VAL B 8 -15.06 2.95 19.95
CA VAL B 8 -14.50 1.59 19.77
C VAL B 8 -15.54 0.59 20.20
N SER B 9 -15.69 -0.46 19.39
CA SER B 9 -16.60 -1.55 19.68
C SER B 9 -15.78 -2.82 19.94
N ILE B 10 -16.27 -3.75 20.76
CA ILE B 10 -15.66 -5.09 20.78
C ILE B 10 -16.66 -6.12 20.33
N SER B 11 -16.28 -6.87 19.29
CA SER B 11 -17.02 -8.04 18.90
C SER B 11 -16.68 -9.14 19.91
N LEU B 12 -17.72 -9.68 20.55
CA LEU B 12 -17.52 -10.64 21.65
C LEU B 12 -16.87 -11.96 21.22
N SER B 13 -17.00 -12.32 19.94
CA SER B 13 -16.17 -13.42 19.37
C SER B 13 -14.65 -13.30 19.65
N SER B 14 -14.18 -12.08 19.84
CA SER B 14 -12.77 -11.84 20.21
C SER B 14 -12.34 -12.63 21.45
N TYR B 15 -13.27 -12.83 22.37
CA TYR B 15 -12.93 -13.47 23.66
C TYR B 15 -12.87 -15.01 23.59
N GLY B 16 -13.30 -15.57 22.46
CA GLY B 16 -13.28 -17.01 22.22
C GLY B 16 -14.70 -17.53 22.32
N ALA B 17 -15.17 -18.19 21.26
CA ALA B 17 -16.58 -18.57 21.12
C ALA B 17 -17.05 -19.47 22.27
N ASP B 18 -16.23 -20.44 22.64
CA ASP B 18 -16.65 -21.37 23.69
C ASP B 18 -16.78 -20.67 25.03
N LEU B 19 -15.80 -19.83 25.38
CA LEU B 19 -15.86 -19.04 26.62
C LEU B 19 -17.11 -18.14 26.63
N VAL B 20 -17.34 -17.43 25.54
CA VAL B 20 -18.47 -16.51 25.50
C VAL B 20 -19.83 -17.23 25.57
N ARG B 21 -19.99 -18.32 24.82
CA ARG B 21 -21.23 -19.08 24.80
C ARG B 21 -21.52 -19.60 26.21
N SER B 22 -20.49 -20.10 26.88
CA SER B 22 -20.68 -20.69 28.23
C SER B 22 -21.00 -19.63 29.31
N ARG B 23 -20.32 -18.50 29.29
CA ARG B 23 -20.57 -17.44 30.26
C ARG B 23 -21.78 -16.58 29.90
N GLY B 24 -22.17 -16.53 28.62
CA GLY B 24 -23.23 -15.67 28.14
C GLY B 24 -22.64 -14.30 27.75
N GLN B 25 -23.23 -13.68 26.74
CA GLN B 25 -22.69 -12.43 26.21
C GLN B 25 -22.94 -11.27 27.17
N ALA B 26 -24.06 -11.30 27.89
CA ALA B 26 -24.35 -10.25 28.89
C ALA B 26 -23.23 -10.08 29.94
N SER B 27 -22.58 -11.18 30.33
CA SER B 27 -21.53 -11.12 31.37
C SER B 27 -20.31 -10.29 30.97
N PHE B 28 -20.16 -10.02 29.68
CA PHE B 28 -19.01 -9.21 29.18
C PHE B 28 -19.23 -7.71 29.15
N LEU B 29 -20.45 -7.26 29.37
CA LEU B 29 -20.76 -5.83 29.25
C LEU B 29 -20.05 -4.93 30.27
N PRO B 30 -20.05 -5.33 31.56
CA PRO B 30 -19.27 -4.54 32.52
C PRO B 30 -17.80 -4.41 32.11
N LEU B 31 -17.20 -5.50 31.60
CA LEU B 31 -15.81 -5.49 31.18
C LEU B 31 -15.61 -4.44 30.09
N LEU B 32 -16.49 -4.46 29.07
CA LEU B 32 -16.39 -3.50 27.94
C LEU B 32 -16.48 -2.04 28.38
N ALA B 33 -17.43 -1.76 29.26
CA ALA B 33 -17.64 -0.40 29.73
C ALA B 33 -16.44 0.06 30.56
N MSE B 34 -15.98 -0.79 31.48
CA MSE B 34 -14.79 -0.46 32.28
C MSE B 34 -13.51 -0.27 31.45
O MSE B 34 -12.65 0.56 31.80
CB MSE B 34 -14.55 -1.52 33.35
CB MSE B 34 -14.57 -1.50 33.39
CG MSE B 34 -15.48 -1.46 34.52
CG MSE B 34 -13.63 -1.06 34.50
SE MSE B 34 -14.95 -2.80 35.84
SE MSE B 34 -14.22 0.50 35.51
CE MSE B 34 -16.28 -4.17 35.48
CE MSE B 34 -15.61 -0.33 36.61
N ALA B 35 -13.36 -1.06 30.38
CA ALA B 35 -12.17 -0.98 29.57
C ALA B 35 -12.19 0.20 28.60
N GLY B 36 -13.32 0.89 28.50
CA GLY B 36 -13.38 2.14 27.71
C GLY B 36 -14.06 2.00 26.34
N ALA B 37 -14.80 0.90 26.12
CA ALA B 37 -15.50 0.76 24.83
C ALA B 37 -16.82 1.52 24.82
N GLN B 38 -17.27 1.88 23.61
CA GLN B 38 -18.53 2.59 23.42
C GLN B 38 -19.61 1.66 22.93
N ARG B 39 -19.21 0.50 22.44
CA ARG B 39 -20.18 -0.35 21.76
C ARG B 39 -19.82 -1.84 21.96
N VAL B 40 -20.84 -2.66 22.12
CA VAL B 40 -20.68 -4.13 22.09
C VAL B 40 -21.24 -4.69 20.74
N GLU B 41 -20.54 -5.63 20.14
CA GLU B 41 -21.12 -6.36 19.03
C GLU B 41 -21.46 -7.79 19.49
N LEU B 42 -22.77 -8.06 19.54
CA LEU B 42 -23.31 -9.35 19.91
C LEU B 42 -23.31 -10.21 18.69
N ARG B 43 -23.18 -11.51 18.91
CA ARG B 43 -23.06 -12.46 17.85
C ARG B 43 -24.17 -13.47 17.97
N GLU B 44 -25.04 -13.50 16.97
CA GLU B 44 -26.13 -14.44 16.98
C GLU B 44 -25.68 -15.89 17.23
N GLU B 45 -24.53 -16.25 16.67
CA GLU B 45 -24.01 -17.61 16.81
C GLU B 45 -23.41 -17.90 18.22
N LEU B 46 -23.31 -16.87 19.07
CA LEU B 46 -22.76 -17.07 20.40
C LEU B 46 -23.83 -17.21 21.49
N PHE B 47 -25.11 -17.24 21.11
CA PHE B 47 -26.17 -17.53 22.07
C PHE B 47 -26.24 -19.05 22.17
N ALA B 48 -25.96 -19.60 23.35
CA ALA B 48 -25.99 -21.06 23.56
C ALA B 48 -27.43 -21.59 23.59
N GLY B 49 -28.34 -20.77 24.11
CA GLY B 49 -29.78 -21.05 24.04
C GLY B 49 -30.52 -19.76 23.73
N PRO B 50 -31.87 -19.81 23.68
CA PRO B 50 -32.62 -18.56 23.44
C PRO B 50 -32.16 -17.48 24.42
N PRO B 51 -31.93 -16.26 23.91
CA PRO B 51 -31.47 -15.18 24.79
C PRO B 51 -32.55 -14.68 25.77
N ASP B 52 -32.14 -14.19 26.93
CA ASP B 52 -33.03 -13.42 27.80
C ASP B 52 -32.91 -11.98 27.30
N THR B 53 -33.73 -11.64 26.30
CA THR B 53 -33.59 -10.36 25.58
C THR B 53 -33.81 -9.14 26.47
N GLU B 54 -34.68 -9.28 27.47
CA GLU B 54 -34.96 -8.18 28.41
C GLU B 54 -33.77 -7.89 29.33
N ALA B 55 -33.15 -8.95 29.83
CA ALA B 55 -31.99 -8.82 30.71
C ALA B 55 -30.78 -8.32 29.89
N LEU B 56 -30.67 -8.79 28.65
CA LEU B 56 -29.60 -8.34 27.77
C LEU B 56 -29.70 -6.84 27.52
N THR B 57 -30.89 -6.39 27.14
CA THR B 57 -31.13 -4.97 26.86
C THR B 57 -30.87 -4.13 28.10
N ALA B 58 -31.37 -4.58 29.26
CA ALA B 58 -31.13 -3.87 30.52
C ALA B 58 -29.65 -3.80 30.87
N ALA B 59 -28.91 -4.89 30.64
CA ALA B 59 -27.46 -4.91 30.90
C ALA B 59 -26.71 -3.93 30.00
N ILE B 60 -27.07 -3.88 28.71
CA ILE B 60 -26.49 -2.90 27.79
C ILE B 60 -26.79 -1.46 28.23
N GLN B 61 -28.05 -1.15 28.52
CA GLN B 61 -28.43 0.19 29.02
C GLN B 61 -27.74 0.60 30.34
N LEU B 62 -27.61 -0.33 31.28
CA LEU B 62 -26.91 -0.06 32.54
C LEU B 62 -25.47 0.40 32.28
N GLN B 63 -24.83 -0.20 31.30
CA GLN B 63 -23.42 0.08 31.06
C GLN B 63 -23.21 1.30 30.21
N GLY B 64 -24.29 1.82 29.64
CA GLY B 64 -24.21 2.96 28.75
C GLY B 64 -23.64 2.61 27.38
N LEU B 65 -23.71 1.34 26.98
CA LEU B 65 -23.13 0.91 25.71
C LEU B 65 -24.13 0.99 24.56
N GLU B 66 -23.62 1.17 23.35
CA GLU B 66 -24.44 0.96 22.15
C GLU B 66 -24.21 -0.47 21.73
N CYS B 67 -25.02 -0.94 20.79
CA CYS B 67 -25.00 -2.36 20.47
C CYS B 67 -25.19 -2.60 18.98
N VAL B 68 -24.32 -3.44 18.41
CA VAL B 68 -24.50 -3.92 17.06
C VAL B 68 -24.83 -5.40 17.19
N PHE B 69 -25.86 -5.86 16.48
CA PHE B 69 -26.22 -7.29 16.46
C PHE B 69 -25.75 -7.93 15.17
N SER B 70 -24.85 -8.91 15.29
CA SER B 70 -24.27 -9.52 14.10
C SER B 70 -24.93 -10.87 13.83
N SER B 71 -25.35 -11.06 12.58
CA SER B 71 -26.02 -12.29 12.17
C SER B 71 -25.26 -12.82 10.97
N PRO B 72 -25.15 -14.17 10.86
CA PRO B 72 -24.56 -14.77 9.66
C PRO B 72 -25.56 -14.78 8.47
N LEU B 73 -26.77 -14.25 8.66
CA LEU B 73 -27.78 -14.14 7.60
C LEU B 73 -27.24 -13.60 6.27
N GLU B 74 -27.59 -14.27 5.16
CA GLU B 74 -27.30 -13.72 3.84
C GLU B 74 -28.53 -12.97 3.32
N LEU B 75 -28.34 -11.72 2.92
CA LEU B 75 -29.45 -10.83 2.59
C LEU B 75 -30.28 -11.30 1.39
N TRP B 76 -29.59 -11.74 0.33
CA TRP B 76 -30.18 -12.16 -0.96
C TRP B 76 -30.01 -13.66 -1.10
N ARG B 77 -31.13 -14.33 -1.32
CA ARG B 77 -31.16 -15.77 -1.55
C ARG B 77 -30.74 -16.07 -2.99
N GLU B 78 -30.29 -17.31 -3.21
CA GLU B 78 -29.94 -17.80 -4.53
C GLU B 78 -31.00 -17.52 -5.61
N ASP B 79 -32.27 -17.55 -5.21
CA ASP B 79 -33.37 -17.34 -6.14
C ASP B 79 -33.71 -15.87 -6.39
N GLY B 80 -32.86 -14.97 -5.86
CA GLY B 80 -32.94 -13.53 -6.11
C GLY B 80 -33.86 -12.80 -5.17
N GLN B 81 -34.48 -13.53 -4.26
CA GLN B 81 -35.41 -12.95 -3.30
C GLN B 81 -34.70 -12.51 -2.02
N LEU B 82 -35.22 -11.46 -1.39
CA LEU B 82 -34.75 -11.03 -0.08
C LEU B 82 -34.97 -12.16 0.92
N ASN B 83 -34.01 -12.38 1.80
CA ASN B 83 -34.08 -13.47 2.78
C ASN B 83 -35.31 -13.31 3.68
N PRO B 84 -36.22 -14.30 3.66
CA PRO B 84 -37.42 -14.14 4.49
C PRO B 84 -37.13 -14.08 6.01
N GLU B 85 -35.93 -14.50 6.41
CA GLU B 85 -35.50 -14.39 7.82
C GLU B 85 -35.01 -12.99 8.23
N LEU B 86 -35.01 -12.05 7.28
CA LEU B 86 -34.61 -10.68 7.61
C LEU B 86 -35.53 -10.02 8.64
N GLU B 87 -36.84 -10.03 8.40
CA GLU B 87 -37.74 -9.42 9.40
C GLU B 87 -37.58 -9.99 10.83
N PRO B 88 -37.67 -11.33 11.00
CA PRO B 88 -37.46 -11.88 12.37
C PRO B 88 -36.07 -11.54 12.96
N THR B 89 -35.06 -11.43 12.11
CA THR B 89 -33.71 -11.08 12.55
C THR B 89 -33.64 -9.59 12.97
N LEU B 90 -34.29 -8.72 12.20
CA LEU B 90 -34.38 -7.31 12.60
C LEU B 90 -35.07 -7.17 13.96
N ARG B 91 -36.17 -7.92 14.15
CA ARG B 91 -36.85 -7.90 15.45
C ARG B 91 -36.03 -8.45 16.59
N ARG B 92 -35.27 -9.52 16.33
CA ARG B 92 -34.34 -10.11 17.32
C ARG B 92 -33.29 -9.07 17.73
N ALA B 93 -32.69 -8.41 16.73
CA ALA B 93 -31.69 -7.37 16.96
C ALA B 93 -32.28 -6.28 17.89
N GLU B 94 -33.45 -5.76 17.52
CA GLU B 94 -34.15 -4.75 18.32
C GLU B 94 -34.46 -5.24 19.73
N ALA B 95 -34.86 -6.50 19.84
CA ALA B 95 -35.15 -7.11 21.16
C ALA B 95 -33.90 -7.09 22.06
N CYS B 96 -32.72 -7.18 21.42
CA CYS B 96 -31.46 -7.23 22.18
C CYS B 96 -30.88 -5.83 22.38
N GLY B 97 -31.65 -4.81 22.02
CA GLY B 97 -31.26 -3.42 22.15
C GLY B 97 -30.29 -2.89 21.11
N ALA B 98 -30.25 -3.50 19.92
CA ALA B 98 -29.23 -3.16 18.89
C ALA B 98 -29.63 -1.92 18.13
N GLY B 99 -28.66 -1.06 17.87
CA GLY B 99 -28.85 0.09 16.98
C GLY B 99 -28.51 -0.20 15.54
N TRP B 100 -27.94 -1.40 15.27
CA TRP B 100 -27.48 -1.81 13.95
C TRP B 100 -27.61 -3.31 13.87
N LEU B 101 -27.97 -3.80 12.68
CA LEU B 101 -27.99 -5.22 12.39
C LEU B 101 -27.00 -5.38 11.25
N LYS B 102 -26.04 -6.29 11.44
CA LYS B 102 -24.99 -6.53 10.45
C LYS B 102 -25.23 -7.92 9.84
N VAL B 103 -25.29 -7.98 8.51
CA VAL B 103 -25.52 -9.23 7.78
C VAL B 103 -24.48 -9.39 6.65
N SER B 104 -24.52 -10.51 5.95
CA SER B 104 -23.76 -10.74 4.73
C SER B 104 -24.64 -10.46 3.56
N LEU B 105 -24.02 -10.31 2.40
CA LEU B 105 -24.75 -9.97 1.16
C LEU B 105 -25.58 -11.10 0.57
N GLY B 106 -25.02 -12.31 0.54
CA GLY B 106 -25.62 -13.39 -0.22
C GLY B 106 -25.32 -13.22 -1.70
N LEU B 107 -26.13 -13.84 -2.54
CA LEU B 107 -25.91 -13.76 -3.97
C LEU B 107 -26.77 -12.62 -4.52
N LEU B 108 -26.10 -11.54 -4.97
CA LEU B 108 -26.81 -10.36 -5.45
C LEU B 108 -27.43 -10.67 -6.82
N PRO B 109 -28.76 -10.55 -6.95
CA PRO B 109 -29.38 -10.84 -8.26
C PRO B 109 -29.21 -9.71 -9.25
N GLU B 110 -29.70 -9.90 -10.48
CA GLU B 110 -29.55 -8.87 -11.51
C GLU B 110 -30.40 -7.63 -11.23
N GLN B 111 -31.63 -7.83 -10.77
CA GLN B 111 -32.53 -6.73 -10.47
C GLN B 111 -33.10 -6.89 -9.05
N PRO B 112 -32.28 -6.58 -8.03
CA PRO B 112 -32.81 -6.68 -6.67
C PRO B 112 -33.88 -5.64 -6.39
N ASP B 113 -34.86 -5.97 -5.54
CA ASP B 113 -35.93 -5.05 -5.23
C ASP B 113 -35.52 -4.22 -4.02
N LEU B 114 -34.70 -3.23 -4.31
CA LEU B 114 -34.19 -2.37 -3.27
C LEU B 114 -35.25 -1.44 -2.71
N ALA B 115 -36.27 -1.11 -3.53
CA ALA B 115 -37.37 -0.29 -3.05
C ALA B 115 -38.11 -0.98 -1.89
N ALA B 116 -38.36 -2.27 -2.07
CA ALA B 116 -39.06 -3.06 -1.07
C ALA B 116 -38.20 -3.12 0.22
N LEU B 117 -36.89 -3.32 0.04
CA LEU B 117 -35.96 -3.37 1.18
C LEU B 117 -36.04 -2.07 1.97
N GLY B 118 -36.00 -0.95 1.25
CA GLY B 118 -36.05 0.37 1.88
C GLY B 118 -37.33 0.54 2.65
N ARG B 119 -38.46 0.11 2.08
CA ARG B 119 -39.74 0.25 2.84
C ARG B 119 -39.73 -0.59 4.10
N ARG B 120 -39.12 -1.76 4.02
CA ARG B 120 -39.00 -2.63 5.19
C ARG B 120 -38.11 -1.99 6.25
N LEU B 121 -36.97 -1.44 5.83
CA LEU B 121 -35.99 -0.89 6.76
C LEU B 121 -36.52 0.40 7.41
N ALA B 122 -37.34 1.14 6.67
CA ALA B 122 -37.92 2.36 7.21
C ALA B 122 -38.87 2.17 8.39
N ARG B 123 -39.34 0.94 8.62
CA ARG B 123 -40.19 0.64 9.78
C ARG B 123 -39.39 0.47 11.09
N HIS B 124 -38.05 0.47 10.98
CA HIS B 124 -37.15 0.15 12.10
C HIS B 124 -36.18 1.28 12.38
N GLY B 125 -35.91 1.51 13.67
CA GLY B 125 -35.01 2.57 14.11
C GLY B 125 -33.53 2.23 13.89
N LEU B 126 -33.24 0.93 13.90
CA LEU B 126 -31.84 0.49 13.73
C LEU B 126 -31.38 0.64 12.26
N GLN B 127 -30.07 0.59 12.01
CA GLN B 127 -29.60 0.63 10.63
C GLN B 127 -29.09 -0.75 10.22
N LEU B 128 -29.39 -1.15 8.97
CA LEU B 128 -28.76 -2.32 8.36
C LEU B 128 -27.33 -2.03 7.90
N LEU B 129 -26.42 -2.91 8.29
CA LEU B 129 -25.02 -2.92 7.79
C LEU B 129 -24.79 -4.22 7.02
N VAL B 130 -24.11 -4.12 5.88
CA VAL B 130 -23.70 -5.34 5.11
C VAL B 130 -22.18 -5.40 5.18
N GLU B 131 -21.66 -6.52 5.68
CA GLU B 131 -20.21 -6.69 5.84
C GLU B 131 -19.64 -7.51 4.69
N ASN B 132 -18.41 -7.20 4.24
CA ASN B 132 -17.73 -8.14 3.35
C ASN B 132 -17.38 -9.43 4.12
N ASP B 133 -17.85 -10.57 3.63
CA ASP B 133 -17.50 -11.86 4.25
C ASP B 133 -16.34 -12.57 3.52
N GLN B 134 -16.17 -13.88 3.75
CA GLN B 134 -14.99 -14.58 3.19
C GLN B 134 -15.34 -15.37 1.93
N THR B 135 -16.58 -15.21 1.45
CA THR B 135 -17.12 -15.97 0.29
C THR B 135 -16.95 -15.21 -1.04
N PRO B 136 -17.03 -15.93 -2.18
CA PRO B 136 -17.03 -15.22 -3.48
C PRO B 136 -18.25 -14.32 -3.68
N GLN B 137 -19.42 -14.76 -3.22
CA GLN B 137 -20.64 -13.98 -3.42
C GLN B 137 -20.69 -12.72 -2.55
N GLY B 138 -20.08 -12.77 -1.35
CA GLY B 138 -20.25 -11.70 -0.39
C GLY B 138 -18.96 -11.02 0.01
N GLY B 139 -17.83 -11.43 -0.60
CA GLY B 139 -16.50 -11.00 -0.12
C GLY B 139 -15.62 -10.38 -1.19
N ARG B 140 -16.21 -10.09 -2.35
CA ARG B 140 -15.45 -9.55 -3.47
C ARG B 140 -15.85 -8.09 -3.75
N ILE B 141 -14.87 -7.26 -4.08
CA ILE B 141 -15.13 -5.82 -4.18
C ILE B 141 -16.20 -5.51 -5.23
N GLU B 142 -16.08 -6.13 -6.39
CA GLU B 142 -16.94 -5.77 -7.51
C GLU B 142 -18.44 -5.89 -7.22
N VAL B 143 -18.88 -7.03 -6.66
CA VAL B 143 -20.29 -7.22 -6.40
C VAL B 143 -20.73 -6.29 -5.25
N LEU B 144 -19.85 -6.05 -4.28
CA LEU B 144 -20.26 -5.20 -3.17
C LEU B 144 -20.43 -3.76 -3.63
N GLU B 145 -19.54 -3.33 -4.51
CA GLU B 145 -19.63 -2.01 -5.12
C GLU B 145 -20.93 -1.87 -5.90
N ARG B 146 -21.33 -2.94 -6.61
CA ARG B 146 -22.60 -2.93 -7.37
C ARG B 146 -23.78 -2.79 -6.42
N PHE B 147 -23.75 -3.55 -5.32
CA PHE B 147 -24.79 -3.46 -4.30
C PHE B 147 -24.91 -2.05 -3.71
N PHE B 148 -23.80 -1.48 -3.26
CA PHE B 148 -23.89 -0.19 -2.59
C PHE B 148 -24.24 0.92 -3.57
N ARG B 149 -23.80 0.80 -4.81
CA ARG B 149 -24.18 1.79 -5.82
C ARG B 149 -25.67 1.77 -6.10
N LEU B 150 -26.24 0.57 -6.17
CA LEU B 150 -27.68 0.40 -6.40
C LEU B 150 -28.47 0.93 -5.19
N ALA B 151 -27.98 0.63 -3.99
CA ALA B 151 -28.61 1.10 -2.75
C ALA B 151 -28.62 2.64 -2.65
N GLU B 152 -27.50 3.26 -3.01
CA GLU B 152 -27.35 4.73 -3.05
C GLU B 152 -28.32 5.35 -4.07
N ARG B 153 -28.45 4.71 -5.24
CA ARG B 153 -29.41 5.20 -6.24
C ARG B 153 -30.85 5.13 -5.73
N GLN B 154 -31.17 4.11 -4.95
CA GLN B 154 -32.48 4.01 -4.33
C GLN B 154 -32.62 4.86 -3.06
N GLN B 155 -31.52 5.49 -2.62
CA GLN B 155 -31.51 6.40 -1.45
C GLN B 155 -31.84 5.62 -0.16
N LEU B 156 -31.28 4.42 -0.02
CA LEU B 156 -31.45 3.64 1.22
C LEU B 156 -30.46 4.09 2.27
N ASP B 157 -30.87 4.18 3.54
CA ASP B 157 -29.91 4.46 4.60
C ASP B 157 -29.44 3.12 5.18
N LEU B 158 -28.60 2.43 4.42
CA LEU B 158 -27.90 1.26 4.92
C LEU B 158 -26.42 1.60 4.72
N ALA B 159 -25.51 0.85 5.33
CA ALA B 159 -24.10 1.16 5.16
C ALA B 159 -23.26 -0.12 5.17
N MSE B 160 -21.95 0.04 5.01
CA MSE B 160 -21.09 -1.10 4.96
C MSE B 160 -20.33 -1.25 6.25
O MSE B 160 -19.94 -0.27 6.87
CB MSE B 160 -20.09 -0.95 3.80
CG MSE B 160 -19.23 -2.18 3.73
SE MSE B 160 -17.90 -2.00 2.27
CE MSE B 160 -17.38 -4.00 2.33
N THR B 161 -20.11 -2.52 6.65
CA THR B 161 -19.14 -2.85 7.64
C THR B 161 -17.91 -3.33 6.85
N PHE B 162 -16.83 -2.58 6.99
CA PHE B 162 -15.61 -2.87 6.24
C PHE B 162 -14.76 -3.77 7.15
N ASP B 163 -14.72 -5.05 6.81
CA ASP B 163 -13.85 -5.98 7.58
C ASP B 163 -12.49 -6.03 6.92
N ILE B 164 -11.50 -5.48 7.61
CA ILE B 164 -10.18 -5.29 7.03
C ILE B 164 -9.59 -6.64 6.58
N GLY B 165 -9.80 -7.68 7.38
CA GLY B 165 -9.11 -8.95 7.18
C GLY B 165 -9.80 -9.87 6.16
N ASN B 166 -11.12 -9.79 6.06
CA ASN B 166 -11.86 -10.76 5.26
C ASN B 166 -11.49 -10.80 3.80
N TRP B 167 -11.05 -9.64 3.28
CA TRP B 167 -10.62 -9.52 1.91
C TRP B 167 -9.53 -10.54 1.52
N ARG B 168 -8.68 -10.89 2.49
CA ARG B 168 -7.59 -11.88 2.25
C ARG B 168 -8.11 -13.21 1.76
N TRP B 169 -9.25 -13.65 2.28
CA TRP B 169 -9.82 -14.94 1.86
C TRP B 169 -10.27 -14.98 0.42
N GLN B 170 -10.59 -13.82 -0.15
CA GLN B 170 -10.94 -13.76 -1.56
C GLN B 170 -9.80 -13.16 -2.44
N GLU B 171 -8.59 -13.10 -1.88
CA GLU B 171 -7.41 -12.51 -2.53
C GLU B 171 -7.73 -11.12 -3.14
N GLN B 172 -8.37 -10.28 -2.32
CA GLN B 172 -8.74 -8.90 -2.69
C GLN B 172 -7.86 -8.00 -1.83
N ALA B 173 -7.38 -6.90 -2.41
CA ALA B 173 -6.59 -5.88 -1.69
C ALA B 173 -7.51 -4.97 -0.86
N ALA B 174 -7.25 -4.87 0.45
CA ALA B 174 -7.99 -3.97 1.33
C ALA B 174 -7.86 -2.52 0.89
N ASP B 175 -6.68 -2.09 0.42
CA ASP B 175 -6.54 -0.70 -0.06
C ASP B 175 -7.44 -0.38 -1.26
N GLU B 176 -7.49 -1.31 -2.22
CA GLU B 176 -8.40 -1.15 -3.34
C GLU B 176 -9.87 -1.14 -2.87
N ALA B 177 -10.20 -2.07 -1.96
CA ALA B 177 -11.55 -2.09 -1.36
C ALA B 177 -11.83 -0.75 -0.68
N ALA B 178 -10.86 -0.19 0.04
CA ALA B 178 -11.14 1.03 0.80
C ALA B 178 -11.37 2.19 -0.17
N LEU B 179 -10.60 2.21 -1.27
CA LEU B 179 -10.77 3.28 -2.30
C LEU B 179 -12.16 3.21 -2.96
N ARG B 180 -12.58 2.02 -3.37
CA ARG B 180 -13.81 1.87 -4.15
C ARG B 180 -15.05 1.87 -3.29
N LEU B 181 -14.92 1.42 -2.04
CA LEU B 181 -16.10 1.26 -1.15
C LEU B 181 -16.14 2.21 0.05
N GLY B 182 -15.08 2.98 0.23
CA GLY B 182 -14.93 3.81 1.42
C GLY B 182 -16.08 4.76 1.74
N ARG B 183 -16.67 5.35 0.69
CA ARG B 183 -17.75 6.32 0.91
C ARG B 183 -18.97 5.65 1.60
N TYR B 184 -19.05 4.33 1.54
CA TYR B 184 -20.22 3.61 2.10
C TYR B 184 -20.03 3.10 3.54
N VAL B 185 -18.83 3.26 4.09
CA VAL B 185 -18.49 2.55 5.30
C VAL B 185 -19.03 3.26 6.54
N GLY B 186 -19.79 2.54 7.39
CA GLY B 186 -20.31 3.13 8.62
C GLY B 186 -19.75 2.40 9.83
N TYR B 187 -18.93 1.36 9.59
CA TYR B 187 -18.41 0.55 10.70
C TYR B 187 -17.24 -0.27 10.20
N VAL B 188 -16.21 -0.34 11.02
CA VAL B 188 -14.97 -1.03 10.59
C VAL B 188 -14.68 -2.22 11.50
N HIS B 189 -14.43 -3.40 10.91
CA HIS B 189 -13.93 -4.55 11.70
C HIS B 189 -12.42 -4.68 11.55
N CYS B 190 -11.69 -4.53 12.65
CA CYS B 190 -10.26 -4.60 12.65
C CYS B 190 -9.76 -5.97 13.06
N LYS B 191 -8.92 -6.54 12.21
CA LYS B 191 -8.16 -7.72 12.53
C LYS B 191 -6.98 -7.75 11.58
N ALA B 192 -5.86 -8.27 12.05
CA ALA B 192 -4.73 -8.58 11.18
C ALA B 192 -4.88 -10.05 10.68
N VAL B 193 -4.31 -10.32 9.52
CA VAL B 193 -4.37 -11.66 8.96
C VAL B 193 -2.97 -12.09 8.54
N ILE B 194 -2.54 -13.29 8.95
CA ILE B 194 -1.29 -13.83 8.47
C ILE B 194 -1.54 -15.23 7.89
N ARG B 195 -0.64 -15.69 7.04
CA ARG B 195 -0.53 -17.11 6.74
C ARG B 195 0.29 -17.77 7.84
N ASN B 196 -0.26 -18.82 8.45
CA ASN B 196 0.52 -19.60 9.42
C ASN B 196 1.62 -20.48 8.79
N ARG B 197 2.33 -21.28 9.59
CA ARG B 197 3.45 -22.08 9.03
C ARG B 197 2.98 -23.12 8.02
N ASP B 198 1.75 -23.58 8.22
CA ASP B 198 1.09 -24.51 7.33
C ASP B 198 0.50 -23.86 6.09
N GLY B 199 0.57 -22.54 6.01
CA GLY B 199 0.04 -21.77 4.88
C GLY B 199 -1.42 -21.38 4.98
N LYS B 200 -2.04 -21.56 6.14
CA LYS B 200 -3.45 -21.25 6.33
C LYS B 200 -3.64 -19.82 6.82
N LEU B 201 -4.62 -19.12 6.27
CA LEU B 201 -4.94 -17.76 6.73
C LEU B 201 -5.53 -17.80 8.09
N VAL B 202 -5.04 -16.95 8.99
CA VAL B 202 -5.56 -16.87 10.36
C VAL B 202 -5.63 -15.42 10.82
N ALA B 203 -6.71 -15.08 11.53
CA ALA B 203 -6.86 -13.73 12.08
C ALA B 203 -6.10 -13.63 13.41
N VAL B 204 -5.37 -12.52 13.56
CA VAL B 204 -4.46 -12.34 14.69
C VAL B 204 -4.51 -10.89 15.20
N PRO B 205 -4.06 -10.65 16.44
CA PRO B 205 -3.96 -9.25 16.83
C PRO B 205 -2.93 -8.46 16.00
N PRO B 206 -3.10 -7.14 15.95
CA PRO B 206 -2.25 -6.28 15.11
C PRO B 206 -0.86 -6.02 15.68
N SER B 207 0.12 -5.92 14.79
CA SER B 207 1.42 -5.34 15.14
C SER B 207 1.32 -3.79 15.12
N ALA B 208 2.33 -3.10 15.65
CA ALA B 208 2.35 -1.64 15.52
C ALA B 208 2.29 -1.20 14.05
N ALA B 209 2.89 -1.97 13.15
CA ALA B 209 2.85 -1.62 11.72
C ALA B 209 1.41 -1.78 11.21
N ASP B 210 0.72 -2.83 11.65
CA ASP B 210 -0.69 -3.05 11.25
C ASP B 210 -1.52 -1.82 11.66
N LEU B 211 -1.35 -1.38 12.90
CA LEU B 211 -2.13 -0.25 13.43
C LEU B 211 -1.90 1.01 12.61
N GLN B 212 -0.64 1.27 12.26
CA GLN B 212 -0.27 2.41 11.39
C GLN B 212 -0.91 2.31 9.99
N TYR B 213 -0.93 1.11 9.43
CA TYR B 213 -1.58 0.87 8.16
C TYR B 213 -3.10 1.11 8.26
N TRP B 214 -3.69 0.64 9.35
CA TRP B 214 -5.13 0.82 9.56
C TRP B 214 -5.49 2.28 9.69
N GLN B 215 -4.61 3.07 10.29
CA GLN B 215 -4.80 4.52 10.37
C GLN B 215 -4.91 5.10 8.95
N ARG B 216 -4.06 4.61 8.04
CA ARG B 216 -4.16 5.02 6.64
C ARG B 216 -5.44 4.52 5.95
N LEU B 217 -5.84 3.27 6.19
CA LEU B 217 -7.15 2.78 5.63
C LEU B 217 -8.31 3.66 6.09
N LEU B 218 -8.31 4.03 7.38
CA LEU B 218 -9.40 4.85 7.98
C LEU B 218 -9.54 6.19 7.32
N GLN B 219 -8.46 6.70 6.72
CA GLN B 219 -8.59 7.93 5.90
C GLN B 219 -9.59 7.83 4.76
N HIS B 220 -9.96 6.60 4.40
CA HIS B 220 -10.85 6.40 3.24
C HIS B 220 -12.29 6.38 3.66
N PHE B 221 -12.53 6.29 4.97
CA PHE B 221 -13.91 6.19 5.53
C PHE B 221 -14.25 7.45 6.28
N PRO B 222 -15.53 7.76 6.45
CA PRO B 222 -15.86 9.03 7.15
C PRO B 222 -15.17 9.07 8.49
N GLU B 223 -14.58 10.23 8.80
CA GLU B 223 -13.83 10.46 10.01
C GLU B 223 -14.67 10.11 11.26
N GLY B 224 -14.06 9.42 12.21
CA GLY B 224 -14.81 9.06 13.43
C GLY B 224 -15.64 7.79 13.37
N VAL B 225 -15.60 7.07 12.24
CA VAL B 225 -16.37 5.82 12.09
C VAL B 225 -16.05 4.89 13.27
N ALA B 226 -17.06 4.23 13.83
CA ALA B 226 -16.84 3.27 14.90
C ALA B 226 -15.94 2.16 14.34
N ARG B 227 -14.94 1.75 15.11
CA ARG B 227 -14.07 0.62 14.74
C ARG B 227 -14.13 -0.45 15.84
N ALA B 228 -14.09 -1.68 15.43
CA ALA B 228 -14.32 -2.84 16.31
C ALA B 228 -13.09 -3.73 16.40
N ILE B 229 -12.76 -4.20 17.60
CA ILE B 229 -11.83 -5.28 17.74
C ILE B 229 -12.56 -6.55 17.34
N GLU B 230 -12.05 -7.22 16.30
CA GLU B 230 -12.54 -8.54 15.96
C GLU B 230 -11.36 -9.49 15.77
N TYR B 231 -10.56 -9.63 16.81
CA TYR B 231 -9.37 -10.48 16.70
C TYR B 231 -9.17 -11.04 18.08
N PRO B 232 -8.35 -12.08 18.23
CA PRO B 232 -8.20 -12.74 19.54
C PRO B 232 -7.78 -11.84 20.68
N LEU B 233 -8.61 -11.84 21.74
CA LEU B 233 -8.25 -11.21 23.00
C LEU B 233 -8.15 -12.30 24.06
N GLN B 234 -6.92 -12.68 24.37
CA GLN B 234 -6.66 -13.79 25.30
C GLN B 234 -5.62 -13.36 26.32
N GLY B 235 -5.86 -13.73 27.58
CA GLY B 235 -5.00 -13.31 28.66
C GLY B 235 -5.61 -13.66 29.99
N ASP B 236 -4.77 -13.58 31.04
CA ASP B 236 -5.19 -13.82 32.40
C ASP B 236 -5.99 -12.64 32.93
N ASP B 237 -5.78 -11.47 32.33
CA ASP B 237 -6.41 -10.23 32.80
C ASP B 237 -7.12 -9.52 31.62
N LEU B 238 -8.35 -9.93 31.35
CA LEU B 238 -9.13 -9.39 30.24
C LEU B 238 -9.39 -7.89 30.37
N LEU B 239 -9.49 -7.39 31.60
CA LEU B 239 -9.73 -5.97 31.79
C LEU B 239 -8.58 -5.10 31.31
N SER B 240 -7.36 -5.35 31.79
CA SER B 240 -6.23 -4.54 31.32
C SER B 240 -5.90 -4.80 29.87
N LEU B 241 -6.02 -6.05 29.43
CA LEU B 241 -5.76 -6.40 28.01
C LEU B 241 -6.71 -5.61 27.10
N SER B 242 -8.00 -5.65 27.43
CA SER B 242 -9.03 -4.99 26.64
C SER B 242 -8.80 -3.47 26.62
N ARG B 243 -8.46 -2.92 27.77
CA ARG B 243 -8.23 -1.49 27.93
C ARG B 243 -7.07 -1.02 27.02
N ARG B 244 -5.97 -1.77 26.99
CA ARG B 244 -4.81 -1.41 26.16
C ARG B 244 -5.20 -1.46 24.68
N HIS B 245 -5.87 -2.55 24.29
CA HIS B 245 -6.34 -2.71 22.90
C HIS B 245 -7.36 -1.69 22.45
N ILE B 246 -8.31 -1.34 23.31
CA ILE B 246 -9.30 -0.30 22.99
C ILE B 246 -8.59 1.03 22.80
N ALA B 247 -7.63 1.28 23.68
CA ALA B 247 -6.88 2.55 23.65
C ALA B 247 -6.12 2.74 22.33
N ALA B 248 -5.54 1.65 21.82
CA ALA B 248 -4.70 1.71 20.63
C ALA B 248 -5.62 1.99 19.43
N LEU B 249 -6.82 1.44 19.44
CA LEU B 249 -7.79 1.68 18.34
C LEU B 249 -8.45 3.06 18.39
N ALA B 250 -8.74 3.53 19.60
CA ALA B 250 -9.46 4.78 19.83
C ALA B 250 -8.63 5.97 19.36
N ARG B 251 -7.32 5.83 19.37
CA ARG B 251 -6.46 6.98 19.05
C ARG B 251 -6.00 7.00 17.58
N LEU B 252 -6.38 5.98 16.82
CA LEU B 252 -6.14 5.94 15.36
C LEU B 252 -6.93 7.01 14.62
N GLY B 253 -6.22 7.93 13.99
CA GLY B 253 -6.84 8.95 13.14
C GLY B 253 -5.79 9.99 12.90
N GLN B 254 -6.18 11.14 12.35
CA GLN B 254 -5.23 12.25 12.19
C GLN B 254 -5.02 12.95 13.53
N PRO B 255 -3.85 13.60 13.72
CA PRO B 255 -3.57 14.46 14.88
C PRO B 255 -4.53 15.64 14.95
N LEU C 5 12.98 -15.34 17.19
CA LEU C 5 13.57 -14.74 15.94
C LEU C 5 13.26 -15.66 14.77
N HIS C 6 13.08 -15.06 13.59
CA HIS C 6 12.87 -15.79 12.34
C HIS C 6 14.20 -15.93 11.58
N PRO C 7 14.36 -17.03 10.81
CA PRO C 7 15.62 -17.35 10.13
C PRO C 7 16.03 -16.36 9.06
N VAL C 8 17.31 -15.99 9.10
CA VAL C 8 17.82 -14.93 8.24
C VAL C 8 19.02 -15.42 7.47
N SER C 9 19.07 -15.02 6.21
CA SER C 9 20.12 -15.41 5.32
C SER C 9 20.84 -14.14 4.83
N ILE C 10 22.13 -14.26 4.49
CA ILE C 10 22.79 -13.13 3.81
C ILE C 10 23.32 -13.60 2.49
N SER C 11 22.94 -12.88 1.43
CA SER C 11 23.50 -13.05 0.11
C SER C 11 24.84 -12.35 0.07
N LEU C 12 25.90 -13.11 -0.21
CA LEU C 12 27.25 -12.55 -0.10
C LEU C 12 27.51 -11.42 -1.09
N SER C 13 26.73 -11.37 -2.18
CA SER C 13 26.81 -10.21 -3.11
C SER C 13 26.56 -8.88 -2.38
N SER C 14 25.85 -8.93 -1.25
CA SER C 14 25.64 -7.73 -0.40
C SER C 14 26.93 -6.98 -0.02
N TYR C 15 28.03 -7.72 0.10
CA TYR C 15 29.29 -7.14 0.59
C TYR C 15 30.12 -6.48 -0.52
N GLY C 16 29.64 -6.63 -1.76
CA GLY C 16 30.30 -6.04 -2.92
C GLY C 16 31.07 -7.09 -3.69
N ALA C 17 30.81 -7.19 -5.00
CA ALA C 17 31.42 -8.27 -5.78
C ALA C 17 32.97 -8.25 -5.77
N ASP C 18 33.59 -7.08 -5.95
CA ASP C 18 35.04 -6.98 -5.91
C ASP C 18 35.66 -7.44 -4.59
N LEU C 19 35.11 -6.95 -3.47
CA LEU C 19 35.57 -7.38 -2.14
C LEU C 19 35.41 -8.89 -1.96
N VAL C 20 34.26 -9.43 -2.36
CA VAL C 20 33.95 -10.84 -2.14
C VAL C 20 34.92 -11.72 -2.95
N ARG C 21 35.12 -11.39 -4.22
CA ARG C 21 36.08 -12.05 -5.09
C ARG C 21 37.49 -12.05 -4.55
N SER C 22 37.88 -10.91 -3.99
CA SER C 22 39.21 -10.74 -3.46
C SER C 22 39.42 -11.61 -2.21
N ARG C 23 38.46 -11.57 -1.27
CA ARG C 23 38.60 -12.27 0.02
C ARG C 23 38.20 -13.76 -0.10
N GLY C 24 37.38 -14.07 -1.10
CA GLY C 24 36.79 -15.40 -1.26
C GLY C 24 35.52 -15.57 -0.44
N GLN C 25 34.55 -16.31 -0.99
CA GLN C 25 33.25 -16.46 -0.33
C GLN C 25 33.36 -17.23 1.00
N ALA C 26 34.28 -18.21 1.07
CA ALA C 26 34.33 -19.07 2.25
C ALA C 26 34.71 -18.22 3.47
N SER C 27 35.45 -17.12 3.24
CA SER C 27 35.93 -16.30 4.34
C SER C 27 34.82 -15.55 5.06
N PHE C 28 33.64 -15.48 4.43
CA PHE C 28 32.47 -14.78 5.00
C PHE C 28 31.61 -15.67 5.86
N LEU C 29 31.79 -16.99 5.78
CA LEU C 29 30.95 -17.90 6.56
C LEU C 29 31.06 -17.73 8.09
N PRO C 30 32.29 -17.61 8.64
CA PRO C 30 32.36 -17.39 10.10
C PRO C 30 31.73 -16.05 10.50
N LEU C 31 31.87 -15.05 9.65
CA LEU C 31 31.28 -13.72 9.86
C LEU C 31 29.77 -13.85 9.97
N LEU C 32 29.16 -14.55 8.99
CA LEU C 32 27.71 -14.79 9.05
C LEU C 32 27.26 -15.55 10.31
N ALA C 33 28.00 -16.58 10.71
CA ALA C 33 27.61 -17.34 11.92
C ALA C 33 27.74 -16.43 13.17
N MSE C 34 28.80 -15.64 13.20
CA MSE C 34 29.05 -14.77 14.35
C MSE C 34 28.03 -13.66 14.42
O MSE C 34 27.70 -13.20 15.51
CB MSE C 34 30.47 -14.20 14.36
CG MSE C 34 31.53 -15.16 14.80
SE MSE C 34 33.27 -14.26 14.81
CE MSE C 34 33.53 -13.85 13.01
N ALA C 35 27.52 -13.24 13.26
CA ALA C 35 26.51 -12.17 13.20
C ALA C 35 25.07 -12.68 13.44
N GLY C 36 24.88 -13.99 13.55
CA GLY C 36 23.58 -14.58 13.85
C GLY C 36 22.76 -15.04 12.64
N ALA C 37 23.39 -15.19 11.48
CA ALA C 37 22.64 -15.69 10.31
C ALA C 37 22.40 -17.18 10.38
N GLN C 38 21.35 -17.68 9.71
CA GLN C 38 21.02 -19.13 9.70
C GLN C 38 21.37 -19.76 8.38
N ARG C 39 21.60 -18.92 7.38
CA ARG C 39 21.79 -19.40 6.04
C ARG C 39 22.69 -18.43 5.28
N VAL C 40 23.45 -18.96 4.33
CA VAL C 40 24.28 -18.15 3.47
C VAL C 40 23.80 -18.36 2.05
N GLU C 41 23.85 -17.31 1.25
CA GLU C 41 23.58 -17.47 -0.18
C GLU C 41 24.82 -17.21 -0.99
N LEU C 42 25.31 -18.29 -1.60
CA LEU C 42 26.50 -18.24 -2.43
C LEU C 42 26.13 -17.76 -3.83
N ARG C 43 27.12 -17.22 -4.53
CA ARG C 43 26.83 -16.58 -5.79
C ARG C 43 27.80 -17.15 -6.80
N GLU C 44 27.22 -17.70 -7.84
CA GLU C 44 28.04 -18.34 -8.85
C GLU C 44 29.01 -17.30 -9.48
N GLU C 45 28.48 -16.15 -9.86
CA GLU C 45 29.29 -15.07 -10.44
C GLU C 45 30.42 -14.51 -9.55
N LEU C 46 30.58 -15.02 -8.34
CA LEU C 46 31.52 -14.46 -7.36
C LEU C 46 32.77 -15.30 -6.98
N PHE C 47 32.86 -16.51 -7.52
CA PHE C 47 34.11 -17.28 -7.46
C PHE C 47 35.06 -16.67 -8.47
N ALA C 48 36.34 -16.59 -8.11
CA ALA C 48 37.34 -15.88 -8.89
C ALA C 48 37.58 -16.41 -10.34
N GLY C 49 37.85 -17.70 -10.55
CA GLY C 49 37.95 -18.74 -9.52
C GLY C 49 37.22 -20.04 -9.91
N PRO C 50 37.97 -21.17 -9.97
CA PRO C 50 37.36 -22.48 -9.80
C PRO C 50 37.52 -22.93 -8.33
N PRO C 51 36.39 -23.07 -7.60
CA PRO C 51 36.46 -23.26 -6.13
C PRO C 51 36.90 -24.64 -5.63
N ASP C 52 37.62 -24.67 -4.51
CA ASP C 52 37.68 -25.89 -3.71
C ASP C 52 36.29 -25.96 -3.10
N THR C 53 35.51 -26.89 -3.62
CA THR C 53 34.15 -27.13 -3.19
C THR C 53 34.18 -27.91 -1.86
N GLU C 54 35.19 -28.76 -1.70
CA GLU C 54 35.40 -29.52 -0.48
C GLU C 54 35.62 -28.62 0.73
N ALA C 55 36.56 -27.69 0.56
CA ALA C 55 36.89 -26.73 1.60
C ALA C 55 35.68 -25.86 1.92
N LEU C 56 34.99 -25.43 0.87
CA LEU C 56 33.77 -24.66 0.99
C LEU C 56 32.66 -25.42 1.73
N THR C 57 32.42 -26.68 1.35
CA THR C 57 31.46 -27.52 2.06
C THR C 57 31.82 -27.66 3.55
N ALA C 58 33.10 -27.79 3.86
CA ALA C 58 33.53 -28.05 5.23
C ALA C 58 33.28 -26.79 6.07
N ALA C 59 33.51 -25.63 5.44
CA ALA C 59 33.28 -24.33 6.05
C ALA C 59 31.80 -24.13 6.42
N ILE C 60 30.89 -24.47 5.51
CA ILE C 60 29.46 -24.37 5.78
C ILE C 60 29.01 -25.29 6.92
N GLN C 61 29.57 -26.50 6.91
CA GLN C 61 29.27 -27.49 7.92
C GLN C 61 29.77 -27.08 9.29
N LEU C 62 30.98 -26.53 9.34
CA LEU C 62 31.57 -26.06 10.60
C LEU C 62 30.71 -25.00 11.28
N GLN C 63 30.12 -24.11 10.48
CA GLN C 63 29.32 -22.99 10.99
C GLN C 63 27.88 -23.37 11.31
N GLY C 64 27.46 -24.57 10.94
CA GLY C 64 26.06 -24.96 11.06
C GLY C 64 25.10 -24.14 10.19
N LEU C 65 25.58 -23.59 9.08
CA LEU C 65 24.75 -22.73 8.20
C LEU C 65 24.01 -23.58 7.16
N GLU C 66 22.76 -23.22 6.84
CA GLU C 66 22.09 -23.67 5.62
C GLU C 66 22.72 -22.90 4.45
N CYS C 67 22.64 -23.45 3.25
CA CYS C 67 23.28 -22.79 2.13
C CYS C 67 22.40 -22.81 0.90
N VAL C 68 22.21 -21.61 0.33
CA VAL C 68 21.53 -21.43 -0.95
C VAL C 68 22.59 -21.12 -2.02
N PHE C 69 22.56 -21.87 -3.12
CA PHE C 69 23.44 -21.54 -4.24
C PHE C 69 22.62 -20.71 -5.25
N SER C 70 22.98 -19.44 -5.45
CA SER C 70 22.25 -18.61 -6.41
C SER C 70 22.96 -18.59 -7.77
N SER C 71 22.21 -18.87 -8.83
CA SER C 71 22.74 -18.81 -10.17
C SER C 71 21.89 -17.87 -11.02
N PRO C 72 22.51 -17.16 -11.99
CA PRO C 72 21.74 -16.38 -12.96
C PRO C 72 21.04 -17.22 -14.02
N LEU C 73 21.19 -18.55 -13.94
CA LEU C 73 20.59 -19.48 -14.89
C LEU C 73 19.10 -19.22 -15.06
N GLU C 74 18.65 -19.14 -16.31
CA GLU C 74 17.24 -19.09 -16.66
C GLU C 74 16.74 -20.48 -17.00
N LEU C 75 15.70 -20.90 -16.32
CA LEU C 75 15.25 -22.28 -16.37
C LEU C 75 14.86 -22.69 -17.78
N TRP C 76 14.08 -21.84 -18.43
CA TRP C 76 13.56 -22.16 -19.76
C TRP C 76 14.17 -21.27 -20.81
N ARG C 77 14.59 -21.91 -21.88
CA ARG C 77 15.20 -21.23 -23.01
C ARG C 77 14.12 -20.70 -23.95
N GLU C 78 14.52 -19.71 -24.74
CA GLU C 78 13.67 -19.17 -25.79
C GLU C 78 12.99 -20.30 -26.60
N ASP C 79 13.75 -21.35 -26.93
CA ASP C 79 13.25 -22.47 -27.74
C ASP C 79 12.25 -23.43 -27.07
N GLY C 80 11.95 -23.17 -25.78
CA GLY C 80 10.96 -23.98 -25.05
C GLY C 80 11.53 -25.16 -24.28
N GLN C 81 12.85 -25.34 -24.36
CA GLN C 81 13.47 -26.44 -23.67
C GLN C 81 14.11 -26.00 -22.37
N LEU C 82 14.03 -26.87 -21.36
CA LEU C 82 14.78 -26.70 -20.11
C LEU C 82 16.26 -26.43 -20.42
N ASN C 83 16.84 -25.48 -19.68
CA ASN C 83 18.24 -25.11 -19.84
C ASN C 83 19.17 -26.32 -19.63
N PRO C 84 19.93 -26.70 -20.69
CA PRO C 84 20.81 -27.85 -20.52
C PRO C 84 21.87 -27.64 -19.43
N GLU C 85 22.05 -26.40 -18.95
CA GLU C 85 23.01 -26.17 -17.85
C GLU C 85 22.41 -26.44 -16.47
N LEU C 86 21.15 -26.86 -16.42
CA LEU C 86 20.48 -27.08 -15.14
C LEU C 86 21.18 -28.17 -14.29
N GLU C 87 21.40 -29.35 -14.86
CA GLU C 87 22.04 -30.41 -14.09
C GLU C 87 23.48 -30.11 -13.68
N PRO C 88 24.30 -29.57 -14.62
CA PRO C 88 25.67 -29.16 -14.29
C PRO C 88 25.70 -28.11 -13.18
N THR C 89 24.70 -27.23 -13.17
CA THR C 89 24.57 -26.23 -12.09
C THR C 89 24.11 -26.86 -10.76
N LEU C 90 23.13 -27.78 -10.81
CA LEU C 90 22.77 -28.54 -9.60
C LEU C 90 23.98 -29.27 -9.02
N ARG C 91 24.80 -29.89 -9.88
CA ARG C 91 25.97 -30.64 -9.39
C ARG C 91 26.93 -29.71 -8.67
N ARG C 92 27.20 -28.57 -9.32
CA ARG C 92 28.03 -27.50 -8.80
C ARG C 92 27.54 -27.03 -7.41
N ALA C 93 26.23 -26.79 -7.33
CA ALA C 93 25.60 -26.31 -6.11
C ALA C 93 25.75 -27.34 -5.02
N GLU C 94 25.47 -28.61 -5.35
CA GLU C 94 25.55 -29.64 -4.33
C GLU C 94 26.99 -29.81 -3.85
N ALA C 95 27.94 -29.78 -4.80
CA ALA C 95 29.37 -29.88 -4.47
C ALA C 95 29.82 -28.79 -3.47
N CYS C 96 29.22 -27.61 -3.57
CA CYS C 96 29.54 -26.47 -2.67
C CYS C 96 28.82 -26.55 -1.32
N GLY C 97 28.00 -27.58 -1.13
CA GLY C 97 27.30 -27.80 0.13
C GLY C 97 25.96 -27.10 0.28
N ALA C 98 25.35 -26.74 -0.86
CA ALA C 98 24.05 -26.06 -0.90
C ALA C 98 22.93 -27.07 -0.63
N GLY C 99 21.86 -26.61 0.01
CA GLY C 99 20.61 -27.37 0.15
C GLY C 99 19.53 -26.91 -0.84
N TRP C 100 19.76 -25.73 -1.44
CA TRP C 100 18.84 -25.13 -2.42
C TRP C 100 19.62 -24.57 -3.58
N LEU C 101 19.05 -24.66 -4.77
CA LEU C 101 19.57 -23.96 -5.93
C LEU C 101 18.56 -22.89 -6.32
N LYS C 102 19.01 -21.64 -6.45
CA LYS C 102 18.06 -20.58 -6.85
C LYS C 102 18.35 -20.12 -8.26
N VAL C 103 17.30 -20.09 -9.08
CA VAL C 103 17.41 -19.70 -10.49
C VAL C 103 16.31 -18.71 -10.89
N SER C 104 16.43 -18.15 -12.10
CA SER C 104 15.32 -17.40 -12.75
C SER C 104 14.48 -18.30 -13.63
N LEU C 105 13.28 -17.83 -13.96
CA LEU C 105 12.31 -18.65 -14.73
C LEU C 105 12.68 -18.84 -16.22
N GLY C 106 13.23 -17.80 -16.83
CA GLY C 106 13.37 -17.75 -18.28
C GLY C 106 12.03 -17.57 -18.94
N LEU C 107 11.94 -18.00 -20.19
CA LEU C 107 10.70 -17.88 -20.95
C LEU C 107 9.85 -19.13 -20.83
N LEU C 108 8.78 -19.05 -20.04
CA LEU C 108 7.87 -20.19 -19.83
C LEU C 108 7.12 -20.50 -21.13
N PRO C 109 7.31 -21.72 -21.67
CA PRO C 109 6.55 -22.13 -22.87
C PRO C 109 5.08 -22.39 -22.54
N GLU C 110 4.22 -22.39 -23.55
CA GLU C 110 2.79 -22.62 -23.32
C GLU C 110 2.58 -24.01 -22.70
N GLN C 111 3.56 -24.89 -22.92
CA GLN C 111 3.49 -26.30 -22.57
C GLN C 111 4.72 -26.80 -21.80
N PRO C 112 4.92 -26.35 -20.54
CA PRO C 112 6.20 -26.76 -19.94
C PRO C 112 6.23 -28.23 -19.52
N ASP C 113 7.36 -28.91 -19.78
CA ASP C 113 7.50 -30.29 -19.27
C ASP C 113 8.04 -30.30 -17.86
N LEU C 114 7.12 -30.21 -16.91
CA LEU C 114 7.46 -30.13 -15.49
C LEU C 114 7.84 -31.54 -15.00
N ALA C 115 7.36 -32.57 -15.72
CA ALA C 115 7.74 -33.95 -15.38
C ALA C 115 9.24 -34.09 -15.59
N ALA C 116 9.71 -33.57 -16.73
CA ALA C 116 11.14 -33.55 -17.09
C ALA C 116 11.96 -32.81 -16.04
N LEU C 117 11.46 -31.63 -15.65
CA LEU C 117 12.07 -30.83 -14.58
C LEU C 117 12.22 -31.66 -13.30
N GLY C 118 11.12 -32.28 -12.87
CA GLY C 118 11.13 -33.16 -11.72
C GLY C 118 12.21 -34.22 -11.83
N ARG C 119 12.30 -34.90 -12.98
CA ARG C 119 13.27 -36.01 -13.09
C ARG C 119 14.70 -35.52 -12.91
N ARG C 120 14.98 -34.31 -13.40
CA ARG C 120 16.32 -33.76 -13.29
C ARG C 120 16.61 -33.41 -11.85
N LEU C 121 15.64 -32.77 -11.18
CA LEU C 121 15.80 -32.41 -9.76
C LEU C 121 16.00 -33.66 -8.89
N ALA C 122 15.31 -34.74 -9.26
CA ALA C 122 15.35 -36.01 -8.51
C ALA C 122 16.71 -36.70 -8.52
N ARG C 123 17.53 -36.35 -9.50
CA ARG C 123 18.92 -36.86 -9.58
C ARG C 123 19.88 -36.18 -8.58
N HIS C 124 19.39 -35.14 -7.89
CA HIS C 124 20.23 -34.38 -6.96
C HIS C 124 19.46 -34.12 -5.65
N GLY C 125 20.17 -33.70 -4.61
CA GLY C 125 19.53 -33.56 -3.31
C GLY C 125 19.14 -32.13 -2.94
N LEU C 126 18.88 -31.27 -3.94
CA LEU C 126 18.60 -29.84 -3.69
C LEU C 126 17.16 -29.48 -3.95
N GLN C 127 16.58 -28.59 -3.14
CA GLN C 127 15.29 -28.04 -3.48
C GLN C 127 15.52 -26.89 -4.44
N LEU C 128 14.60 -26.71 -5.37
CA LEU C 128 14.76 -25.66 -6.33
C LEU C 128 13.97 -24.44 -5.86
N LEU C 129 14.62 -23.29 -5.97
CA LEU C 129 13.93 -22.01 -5.70
C LEU C 129 13.91 -21.26 -7.02
N VAL C 130 12.75 -20.73 -7.36
CA VAL C 130 12.64 -19.85 -8.54
C VAL C 130 12.27 -18.43 -8.12
N GLU C 131 13.13 -17.48 -8.47
CA GLU C 131 13.02 -16.09 -8.02
C GLU C 131 12.46 -15.20 -9.11
N ASN C 132 11.57 -14.24 -8.77
CA ASN C 132 11.13 -13.25 -9.78
C ASN C 132 12.33 -12.40 -10.12
N ASP C 133 12.62 -12.24 -11.40
CA ASP C 133 13.79 -11.46 -11.74
C ASP C 133 13.36 -10.10 -12.28
N GLN C 134 14.23 -9.41 -13.02
CA GLN C 134 13.93 -8.05 -13.48
C GLN C 134 13.47 -7.97 -14.95
N THR C 135 13.25 -9.14 -15.57
CA THR C 135 12.93 -9.22 -16.98
C THR C 135 11.43 -9.41 -17.21
N PRO C 136 10.93 -9.13 -18.42
CA PRO C 136 9.52 -9.41 -18.70
C PRO C 136 9.13 -10.91 -18.56
N GLN C 137 10.04 -11.80 -18.98
CA GLN C 137 9.72 -13.23 -19.02
C GLN C 137 9.71 -13.83 -17.63
N GLY C 138 10.59 -13.35 -16.75
CA GLY C 138 10.76 -13.97 -15.42
C GLY C 138 10.36 -13.07 -14.26
N GLY C 139 9.91 -11.86 -14.57
CA GLY C 139 9.68 -10.83 -13.54
C GLY C 139 8.26 -10.32 -13.44
N ARG C 140 7.31 -10.97 -14.13
CA ARG C 140 5.94 -10.44 -14.13
C ARG C 140 5.00 -11.40 -13.43
N ILE C 141 4.03 -10.84 -12.69
CA ILE C 141 3.16 -11.63 -11.83
C ILE C 141 2.42 -12.75 -12.59
N GLU C 142 1.82 -12.41 -13.72
CA GLU C 142 0.98 -13.33 -14.46
C GLU C 142 1.68 -14.65 -14.85
N VAL C 143 2.87 -14.58 -15.45
CA VAL C 143 3.56 -15.80 -15.90
C VAL C 143 4.09 -16.58 -14.70
N LEU C 144 4.43 -15.86 -13.63
CA LEU C 144 4.94 -16.55 -12.46
C LEU C 144 3.82 -17.28 -11.77
N GLU C 145 2.66 -16.66 -11.73
CA GLU C 145 1.50 -17.30 -11.12
C GLU C 145 1.17 -18.63 -11.87
N ARG C 146 1.28 -18.59 -13.20
CA ARG C 146 1.08 -19.77 -14.06
C ARG C 146 2.10 -20.85 -13.71
N PHE C 147 3.36 -20.44 -13.53
CA PHE C 147 4.40 -21.43 -13.31
C PHE C 147 4.18 -22.14 -11.97
N PHE C 148 3.97 -21.35 -10.92
CA PHE C 148 3.81 -21.90 -9.57
C PHE C 148 2.54 -22.73 -9.39
N ARG C 149 1.44 -22.28 -9.97
CA ARG C 149 0.22 -23.09 -10.00
C ARG C 149 0.49 -24.49 -10.57
N LEU C 150 1.10 -24.51 -11.76
CA LEU C 150 1.37 -25.77 -12.45
C LEU C 150 2.34 -26.64 -11.66
N ALA C 151 3.44 -26.03 -11.21
CA ALA C 151 4.47 -26.75 -10.47
C ALA C 151 3.86 -27.44 -9.28
N GLU C 152 2.94 -26.75 -8.60
CA GLU C 152 2.31 -27.30 -7.41
C GLU C 152 1.39 -28.48 -7.76
N ARG C 153 0.69 -28.36 -8.89
CA ARG C 153 -0.21 -29.42 -9.36
C ARG C 153 0.55 -30.74 -9.48
N GLN C 154 1.68 -30.71 -10.18
CA GLN C 154 2.48 -31.90 -10.32
C GLN C 154 3.44 -32.16 -9.13
N GLN C 155 3.30 -31.32 -8.10
CA GLN C 155 3.94 -31.50 -6.80
C GLN C 155 5.48 -31.53 -6.88
N LEU C 156 6.09 -30.53 -7.54
CA LEU C 156 7.56 -30.44 -7.57
C LEU C 156 8.22 -30.01 -6.23
N ASP C 157 9.44 -30.49 -5.98
CA ASP C 157 10.22 -30.00 -4.83
C ASP C 157 10.79 -28.63 -5.18
N LEU C 158 9.89 -27.64 -5.24
CA LEU C 158 10.26 -26.29 -5.60
C LEU C 158 9.37 -25.21 -4.98
N ALA C 159 9.97 -24.06 -4.75
CA ALA C 159 9.22 -23.01 -4.10
C ALA C 159 9.61 -21.69 -4.76
N MSE C 160 8.83 -20.65 -4.49
CA MSE C 160 9.17 -19.34 -4.97
C MSE C 160 10.15 -18.63 -4.02
O MSE C 160 9.97 -18.69 -2.80
CB MSE C 160 7.90 -18.48 -5.15
CG MSE C 160 8.29 -17.09 -5.59
SE MSE C 160 6.77 -15.96 -6.07
CE MSE C 160 7.72 -14.77 -7.27
N THR C 161 11.15 -17.95 -4.58
CA THR C 161 11.85 -16.85 -3.92
C THR C 161 11.22 -15.52 -4.30
N PHE C 162 10.64 -14.84 -3.33
CA PHE C 162 9.93 -13.58 -3.63
C PHE C 162 10.95 -12.49 -3.38
N ASP C 163 11.42 -11.84 -4.45
CA ASP C 163 12.34 -10.80 -4.31
C ASP C 163 11.55 -9.49 -4.26
N ILE C 164 11.56 -8.85 -3.11
CA ILE C 164 10.68 -7.69 -2.88
C ILE C 164 10.95 -6.59 -3.90
N GLY C 165 12.24 -6.36 -4.22
CA GLY C 165 12.62 -5.20 -5.02
C GLY C 165 12.52 -5.45 -6.51
N ASN C 166 12.73 -6.69 -6.95
CA ASN C 166 12.80 -6.95 -8.39
C ASN C 166 11.54 -6.54 -9.17
N TRP C 167 10.38 -6.65 -8.52
CA TRP C 167 9.10 -6.29 -9.16
C TRP C 167 9.14 -4.85 -9.72
N ARG C 168 9.91 -3.99 -9.08
CA ARG C 168 10.00 -2.59 -9.49
C ARG C 168 10.48 -2.47 -10.94
N TRP C 169 11.34 -3.37 -11.39
CA TRP C 169 11.91 -3.28 -12.75
C TRP C 169 10.85 -3.57 -13.81
N GLN C 170 9.80 -4.29 -13.44
CA GLN C 170 8.70 -4.58 -14.36
C GLN C 170 7.42 -3.78 -14.06
N GLU C 171 7.55 -2.76 -13.21
CA GLU C 171 6.42 -1.95 -12.74
C GLU C 171 5.29 -2.82 -12.24
N GLN C 172 5.65 -3.83 -11.46
CA GLN C 172 4.70 -4.74 -10.84
C GLN C 172 4.63 -4.34 -9.37
N ALA C 173 3.42 -4.32 -8.80
CA ALA C 173 3.26 -4.02 -7.39
C ALA C 173 3.56 -5.23 -6.49
N ALA C 174 4.52 -5.07 -5.59
CA ALA C 174 4.88 -6.12 -4.64
C ALA C 174 3.67 -6.57 -3.84
N ASP C 175 2.80 -5.64 -3.41
CA ASP C 175 1.61 -6.04 -2.63
C ASP C 175 0.67 -6.94 -3.41
N GLU C 176 0.47 -6.60 -4.69
CA GLU C 176 -0.34 -7.47 -5.55
C GLU C 176 0.34 -8.82 -5.78
N ALA C 177 1.65 -8.80 -6.02
CA ALA C 177 2.42 -10.04 -6.17
C ALA C 177 2.27 -10.92 -4.93
N ALA C 178 2.37 -10.30 -3.74
CA ALA C 178 2.30 -11.02 -2.45
C ALA C 178 0.93 -11.65 -2.26
N LEU C 179 -0.10 -10.86 -2.52
CA LEU C 179 -1.50 -11.35 -2.49
C LEU C 179 -1.70 -12.55 -3.43
N ARG C 180 -1.21 -12.46 -4.66
CA ARG C 180 -1.43 -13.52 -5.65
C ARG C 180 -0.49 -14.73 -5.52
N LEU C 181 0.77 -14.50 -5.13
CA LEU C 181 1.79 -15.52 -5.12
C LEU C 181 2.25 -15.99 -3.75
N GLY C 182 1.72 -15.39 -2.68
CA GLY C 182 2.27 -15.59 -1.36
C GLY C 182 2.19 -17.04 -0.86
N ARG C 183 1.16 -17.79 -1.27
CA ARG C 183 1.07 -19.20 -0.85
C ARG C 183 2.24 -20.09 -1.35
N TYR C 184 2.94 -19.65 -2.39
CA TYR C 184 4.05 -20.42 -2.99
C TYR C 184 5.44 -20.06 -2.46
N VAL C 185 5.50 -19.04 -1.59
CA VAL C 185 6.79 -18.46 -1.19
C VAL C 185 7.49 -19.26 -0.09
N GLY C 186 8.72 -19.71 -0.37
CA GLY C 186 9.58 -20.39 0.59
C GLY C 186 10.82 -19.64 1.00
N TYR C 187 11.04 -18.46 0.42
CA TYR C 187 12.28 -17.70 0.68
C TYR C 187 12.00 -16.26 0.24
N VAL C 188 12.46 -15.28 1.00
CA VAL C 188 12.18 -13.87 0.67
C VAL C 188 13.50 -13.21 0.49
N HIS C 189 13.67 -12.51 -0.62
CA HIS C 189 14.84 -11.72 -0.84
C HIS C 189 14.50 -10.28 -0.60
N CYS C 190 15.18 -9.69 0.37
CA CYS C 190 14.86 -8.35 0.82
C CYS C 190 15.84 -7.33 0.27
N LYS C 191 15.29 -6.30 -0.38
CA LYS C 191 16.05 -5.13 -0.77
C LYS C 191 15.05 -4.00 -0.98
N ALA C 192 15.48 -2.78 -0.69
CA ALA C 192 14.75 -1.61 -1.03
C ALA C 192 15.27 -1.13 -2.38
N VAL C 193 14.47 -0.32 -3.07
CA VAL C 193 14.78 0.14 -4.43
C VAL C 193 14.38 1.61 -4.52
N ILE C 194 15.31 2.43 -5.01
CA ILE C 194 14.97 3.81 -5.27
C ILE C 194 15.30 4.15 -6.70
N ARG C 195 14.68 5.19 -7.21
CA ARG C 195 15.05 5.73 -8.51
C ARG C 195 16.11 6.79 -8.25
N ASN C 196 17.28 6.64 -8.86
CA ASN C 196 18.33 7.61 -8.60
C ASN C 196 18.08 8.98 -9.31
N ARG C 197 19.00 9.94 -9.12
CA ARG C 197 18.92 11.25 -9.76
C ARG C 197 18.83 11.19 -11.30
N ASP C 198 19.38 10.16 -11.91
CA ASP C 198 19.24 10.01 -13.36
C ASP C 198 18.06 9.14 -13.81
N GLY C 199 17.18 8.80 -12.89
CA GLY C 199 15.95 8.04 -13.18
C GLY C 199 16.17 6.54 -13.21
N LYS C 200 17.34 6.08 -12.76
CA LYS C 200 17.66 4.65 -12.84
C LYS C 200 17.32 3.97 -11.53
N LEU C 201 16.74 2.78 -11.61
CA LEU C 201 16.45 2.01 -10.39
C LEU C 201 17.73 1.45 -9.79
N VAL C 202 17.89 1.58 -8.46
CA VAL C 202 19.06 1.08 -7.73
C VAL C 202 18.63 0.42 -6.39
N ALA C 203 19.19 -0.75 -6.09
CA ALA C 203 18.95 -1.43 -4.81
C ALA C 203 19.71 -0.74 -3.68
N VAL C 204 19.04 -0.54 -2.55
CA VAL C 204 19.62 0.20 -1.41
C VAL C 204 19.19 -0.51 -0.12
N PRO C 205 19.89 -0.24 1.01
CA PRO C 205 19.43 -0.79 2.31
C PRO C 205 18.07 -0.18 2.69
N PRO C 206 17.29 -0.90 3.50
CA PRO C 206 15.95 -0.40 3.85
C PRO C 206 15.97 0.77 4.85
N SER C 207 14.99 1.64 4.77
CA SER C 207 14.75 2.61 5.85
C SER C 207 13.87 1.89 6.88
N ALA C 208 13.58 2.54 8.00
CA ALA C 208 12.66 2.01 9.00
C ALA C 208 11.28 1.83 8.42
N ALA C 209 10.86 2.76 7.56
CA ALA C 209 9.61 2.62 6.81
C ALA C 209 9.56 1.39 5.93
N ASP C 210 10.66 1.07 5.22
CA ASP C 210 10.69 -0.08 4.33
C ASP C 210 10.49 -1.31 5.18
N LEU C 211 11.15 -1.34 6.34
CA LEU C 211 11.12 -2.53 7.18
C LEU C 211 9.71 -2.81 7.67
N GLN C 212 9.00 -1.76 8.06
CA GLN C 212 7.64 -1.92 8.52
C GLN C 212 6.74 -2.40 7.39
N TYR C 213 7.00 -1.92 6.18
CA TYR C 213 6.28 -2.38 5.00
C TYR C 213 6.58 -3.86 4.68
N TRP C 214 7.85 -4.24 4.75
CA TRP C 214 8.20 -5.66 4.57
C TRP C 214 7.49 -6.57 5.58
N GLN C 215 7.34 -6.11 6.83
CA GLN C 215 6.63 -6.93 7.85
C GLN C 215 5.18 -7.20 7.36
N ARG C 216 4.57 -6.20 6.73
CA ARG C 216 3.23 -6.39 6.18
C ARG C 216 3.21 -7.33 4.99
N LEU C 217 4.21 -7.22 4.11
CA LEU C 217 4.32 -8.18 3.00
C LEU C 217 4.44 -9.61 3.50
N LEU C 218 5.21 -9.79 4.59
CA LEU C 218 5.47 -11.15 5.14
C LEU C 218 4.24 -11.82 5.66
N GLN C 219 3.21 -11.02 5.99
CA GLN C 219 1.89 -11.60 6.36
C GLN C 219 1.25 -12.45 5.28
N HIS C 220 1.72 -12.28 4.04
CA HIS C 220 1.18 -13.06 2.91
C HIS C 220 1.88 -14.38 2.67
N PHE C 221 3.03 -14.60 3.32
CA PHE C 221 3.82 -15.81 3.10
C PHE C 221 3.76 -16.65 4.36
N PRO C 222 4.01 -17.97 4.23
CA PRO C 222 3.92 -18.79 5.44
C PRO C 222 4.78 -18.23 6.57
N GLU C 223 4.24 -18.25 7.77
CA GLU C 223 4.94 -17.68 8.92
C GLU C 223 6.31 -18.31 9.11
N GLY C 224 7.32 -17.47 9.35
CA GLY C 224 8.68 -17.97 9.62
C GLY C 224 9.50 -18.30 8.40
N VAL C 225 9.01 -17.93 7.20
CA VAL C 225 9.74 -18.22 5.96
C VAL C 225 11.12 -17.55 6.07
N ALA C 226 12.18 -18.20 5.57
CA ALA C 226 13.52 -17.58 5.61
C ALA C 226 13.54 -16.27 4.81
N ARG C 227 14.22 -15.26 5.35
CA ARG C 227 14.36 -13.95 4.66
C ARG C 227 15.84 -13.61 4.50
N ALA C 228 16.22 -13.13 3.31
CA ALA C 228 17.62 -12.86 2.96
C ALA C 228 17.90 -11.38 2.79
N ILE C 229 19.07 -10.94 3.27
CA ILE C 229 19.57 -9.61 2.97
C ILE C 229 20.24 -9.69 1.61
N GLU C 230 19.74 -8.92 0.63
CA GLU C 230 20.45 -8.82 -0.64
C GLU C 230 20.48 -7.37 -1.09
N TYR C 231 21.16 -6.58 -0.29
CA TYR C 231 21.27 -5.15 -0.50
C TYR C 231 22.64 -4.74 0.07
N PRO C 232 23.16 -3.55 -0.31
CA PRO C 232 24.55 -3.18 0.10
C PRO C 232 24.80 -3.23 1.62
N LEU C 233 25.84 -3.98 2.01
CA LEU C 233 26.37 -3.99 3.37
C LEU C 233 27.80 -3.49 3.30
N GLN C 234 27.99 -2.21 3.62
CA GLN C 234 29.30 -1.60 3.51
C GLN C 234 29.57 -0.79 4.77
N GLY C 235 30.77 -0.94 5.31
CA GLY C 235 31.10 -0.32 6.58
C GLY C 235 32.45 -0.83 7.06
N ASP C 236 32.98 -0.17 8.08
CA ASP C 236 34.30 -0.54 8.57
C ASP C 236 34.31 -1.76 9.49
N ASP C 237 33.15 -2.10 10.06
CA ASP C 237 33.04 -3.28 10.95
C ASP C 237 31.89 -4.08 10.38
N LEU C 238 32.21 -5.04 9.50
CA LEU C 238 31.17 -5.74 8.77
C LEU C 238 30.44 -6.71 9.72
N LEU C 239 31.13 -7.20 10.76
CA LEU C 239 30.42 -8.10 11.69
C LEU C 239 29.32 -7.35 12.45
N SER C 240 29.64 -6.18 12.98
CA SER C 240 28.65 -5.44 13.74
C SER C 240 27.52 -4.96 12.82
N LEU C 241 27.90 -4.45 11.65
CA LEU C 241 26.89 -4.06 10.67
C LEU C 241 25.93 -5.23 10.30
N SER C 242 26.51 -6.39 9.97
CA SER C 242 25.70 -7.53 9.59
C SER C 242 24.81 -7.97 10.74
N ARG C 243 25.33 -7.97 11.95
CA ARG C 243 24.54 -8.34 13.12
C ARG C 243 23.33 -7.42 13.31
N ARG C 244 23.54 -6.12 13.15
CA ARG C 244 22.46 -5.16 13.34
C ARG C 244 21.37 -5.31 12.27
N HIS C 245 21.81 -5.58 11.04
CA HIS C 245 20.88 -5.81 9.91
C HIS C 245 20.13 -7.13 10.01
N ILE C 246 20.83 -8.18 10.43
CA ILE C 246 20.17 -9.48 10.68
C ILE C 246 19.08 -9.33 11.77
N ALA C 247 19.44 -8.71 12.88
CA ALA C 247 18.51 -8.51 13.98
C ALA C 247 17.22 -7.79 13.51
N ALA C 248 17.40 -6.73 12.71
CA ALA C 248 16.27 -5.94 12.20
C ALA C 248 15.35 -6.82 11.35
N LEU C 249 15.93 -7.68 10.53
CA LEU C 249 15.14 -8.56 9.67
C LEU C 249 14.50 -9.73 10.48
N ALA C 250 15.24 -10.28 11.42
CA ALA C 250 14.79 -11.46 12.18
C ALA C 250 13.57 -11.12 13.02
N ARG C 251 13.46 -9.83 13.39
CA ARG C 251 12.46 -9.30 14.33
C ARG C 251 11.13 -9.02 13.63
N LEU C 252 11.12 -9.07 12.29
CA LEU C 252 9.88 -8.75 11.55
C LEU C 252 8.86 -9.89 11.62
N GLY C 253 7.69 -9.58 12.17
CA GLY C 253 6.65 -10.59 12.38
C GLY C 253 5.60 -10.00 13.29
N GLN C 254 4.70 -10.84 13.79
CA GLN C 254 3.58 -10.37 14.60
C GLN C 254 3.92 -10.29 16.09
C1 IPA D . 11.54 14.93 -16.32
C2 IPA D . 11.44 13.62 -15.55
C3 IPA D . 12.03 12.53 -16.45
O2 IPA D . 12.27 13.72 -14.42
NA NA E . -16.38 -10.39 10.49
C1 IPA F . -14.46 8.65 -8.77
C2 IPA F . -15.71 8.26 -8.01
C3 IPA F . -16.69 9.43 -7.97
O2 IPA F . -16.29 7.17 -8.69
C1 IPA G . 7.05 -24.11 -0.33
C2 IPA G . 5.76 -23.30 -0.40
C3 IPA G . 4.57 -24.24 -0.62
O2 IPA G . 5.58 -22.64 0.83
#